data_6AK1
#
_entry.id   6AK1
#
_cell.length_a   113.190
_cell.length_b   163.954
_cell.length_c   116.674
_cell.angle_alpha   90.00
_cell.angle_beta   90.00
_cell.angle_gamma   90.00
#
_symmetry.space_group_name_H-M   'C 2 2 21'
#
loop_
_entity.id
_entity.type
_entity.pdbx_description
1 polymer 'Dimethyl-sulfide monooxygenase'
2 water water
#
_entity_poly.entity_id   1
_entity_poly.type   'polypeptide(L)'
_entity_poly.pdbx_seq_one_letter_code
;MKKRIVLNAFDMTCVSHQSAGTWRHPSSQAARYNDLEYWTNMAMELERGCFDCLFIADVVGVYDVYRGSAEMALRDADQV
PVNDPFGAISAMAAVTEHVGFGVTAAITFEQPYLLARRLSTLDHLTKGRVAWNVVSSYLNSAALNIGMDQQLAHDERYEM
ADEYMEVMYKLWEGSWEDDAVKRDKKSGVFTDGSKVHPINHQGKYYKVPGFHICEPSPQRTPVIFQAGASGRGSKFAASN
AEGMFILTTSVEQARQITTDIRNQAEAAGRSRDSIKIFMLLTVITGDSDEAAEAKYQEYLSYANPEGMLALYGGWTGIDF
AKLDPDEPLQAMENDSLRTTLESLTHGENAKKWTVRDVIRERCIGGLGPVLVGGPQKVADELERWVDEGGVDGFNLAYAV
TPGSVTDFIDYIVPELRKRGRAQDSYKPGSLRRKLIGTNDGRVESTHPAAQYRDAYVGKESVADRTQPSPFANAKAPVAE
LEHHHHHH
;
_entity_poly.pdbx_strand_id   A,B
#
# COMPACT_ATOMS: atom_id res chain seq x y z
N LYS A 3 -24.34 27.39 16.67
CA LYS A 3 -23.20 26.83 17.40
C LYS A 3 -23.59 26.32 18.78
N ARG A 4 -23.33 25.03 19.00
CA ARG A 4 -23.82 24.32 20.18
C ARG A 4 -23.03 24.70 21.41
N ILE A 5 -23.74 24.98 22.51
CA ILE A 5 -23.10 25.27 23.79
C ILE A 5 -22.75 23.96 24.48
N VAL A 6 -21.50 23.85 24.94
CA VAL A 6 -21.02 22.67 25.63
C VAL A 6 -21.38 22.79 27.11
N LEU A 7 -22.05 21.77 27.65
CA LEU A 7 -22.51 21.80 29.04
C LEU A 7 -21.74 20.75 29.83
N ASN A 8 -20.98 21.19 30.82
CA ASN A 8 -20.23 20.31 31.72
C ASN A 8 -20.67 20.56 33.16
N ALA A 9 -20.73 19.49 33.95
CA ALA A 9 -20.88 19.63 35.39
C ALA A 9 -19.49 19.63 36.03
N PHE A 10 -19.23 20.63 36.85
CA PHE A 10 -18.00 20.77 37.60
C PHE A 10 -18.25 20.23 39.00
N ASP A 11 -17.44 19.26 39.43
CA ASP A 11 -17.58 18.64 40.75
C ASP A 11 -16.18 18.29 41.25
N MET A 12 -16.12 17.71 42.44
CA MET A 12 -14.86 17.32 43.04
C MET A 12 -15.20 16.27 44.09
N THR A 13 -14.28 15.35 44.37
CA THR A 13 -14.61 14.26 45.29
C THR A 13 -14.46 14.72 46.74
N CYS A 14 -15.21 15.77 47.07
CA CYS A 14 -15.16 16.41 48.39
C CYS A 14 -16.50 17.10 48.64
N VAL A 15 -16.62 17.77 49.79
CA VAL A 15 -17.89 18.35 50.20
C VAL A 15 -18.03 19.79 49.68
N SER A 16 -17.23 20.70 50.20
CA SER A 16 -17.27 22.10 49.76
C SER A 16 -16.22 22.32 48.67
N HIS A 17 -16.68 22.63 47.46
CA HIS A 17 -15.80 22.74 46.30
C HIS A 17 -15.58 24.20 45.94
N GLN A 18 -16.58 24.83 45.34
CA GLN A 18 -16.55 26.24 44.99
C GLN A 18 -17.41 27.10 45.91
N SER A 19 -18.16 26.50 46.85
CA SER A 19 -19.07 27.23 47.74
C SER A 19 -18.86 26.80 49.18
N ALA A 20 -18.99 27.75 50.11
CA ALA A 20 -18.74 27.50 51.53
C ALA A 20 -20.05 27.49 52.30
N GLY A 21 -20.20 26.51 53.21
CA GLY A 21 -21.38 26.43 54.05
C GLY A 21 -22.66 25.89 53.41
N THR A 22 -22.80 25.97 52.09
CA THR A 22 -24.03 25.54 51.43
C THR A 22 -24.26 24.03 51.48
N TRP A 23 -23.27 23.24 51.90
CA TRP A 23 -23.52 21.82 52.15
C TRP A 23 -24.49 21.61 53.30
N ARG A 24 -24.68 22.62 54.13
CA ARG A 24 -25.63 22.55 55.23
C ARG A 24 -27.06 22.62 54.76
N HIS A 25 -27.32 23.11 53.56
CA HIS A 25 -28.69 23.25 53.09
C HIS A 25 -29.38 21.88 53.11
N PRO A 26 -30.66 21.81 53.47
CA PRO A 26 -31.36 20.51 53.50
C PRO A 26 -31.34 19.76 52.17
N SER A 27 -31.31 20.47 51.03
CA SER A 27 -31.28 19.83 49.72
C SER A 27 -29.91 19.29 49.32
N SER A 28 -28.83 19.70 49.97
CA SER A 28 -27.51 19.33 49.48
C SER A 28 -27.15 17.92 49.88
N GLN A 29 -26.68 17.14 48.91
CA GLN A 29 -26.03 15.87 49.16
C GLN A 29 -24.51 15.94 48.97
N ALA A 30 -23.94 17.14 49.09
CA ALA A 30 -22.49 17.29 48.99
C ALA A 30 -21.76 16.39 49.97
N ALA A 31 -22.33 16.22 51.17
CA ALA A 31 -21.71 15.36 52.17
C ALA A 31 -21.66 13.89 51.77
N ARG A 32 -22.26 13.50 50.65
CA ARG A 32 -22.21 12.12 50.16
C ARG A 32 -21.10 11.89 49.14
N TYR A 33 -20.14 12.79 49.04
CA TYR A 33 -18.99 12.61 48.15
C TYR A 33 -18.37 11.21 48.31
N ASN A 34 -18.51 10.61 49.50
CA ASN A 34 -17.91 9.31 49.78
C ASN A 34 -18.89 8.14 49.59
N ASP A 35 -20.06 8.41 49.02
CA ASP A 35 -21.07 7.38 48.71
C ASP A 35 -21.06 7.08 47.22
N LEU A 36 -20.97 5.80 46.86
CA LEU A 36 -21.00 5.43 45.45
C LEU A 36 -22.29 5.88 44.78
N GLU A 37 -23.42 5.86 45.51
CA GLU A 37 -24.72 6.21 44.92
C GLU A 37 -24.80 7.68 44.53
N TYR A 38 -24.09 8.58 45.22
CA TYR A 38 -24.09 9.98 44.79
C TYR A 38 -23.55 10.09 43.38
N TRP A 39 -22.43 9.40 43.11
CA TRP A 39 -21.78 9.55 41.81
C TRP A 39 -22.56 8.87 40.69
N THR A 40 -23.11 7.67 40.94
CA THR A 40 -23.86 7.02 39.87
C THR A 40 -25.17 7.77 39.58
N ASN A 41 -25.84 8.28 40.60
CA ASN A 41 -27.01 9.13 40.38
C ASN A 41 -26.64 10.41 39.61
N MET A 42 -25.50 11.02 39.96
CA MET A 42 -25.05 12.22 39.25
C MET A 42 -24.83 11.93 37.76
N ALA A 43 -24.13 10.84 37.44
CA ALA A 43 -23.81 10.52 36.05
C ALA A 43 -25.08 10.26 35.24
N MET A 44 -26.05 9.55 35.82
CA MET A 44 -27.30 9.30 35.12
C MET A 44 -28.08 10.59 34.92
N GLU A 45 -28.08 11.46 35.94
CA GLU A 45 -28.80 12.72 35.85
C GLU A 45 -28.20 13.63 34.79
N LEU A 46 -26.87 13.59 34.59
CA LEU A 46 -26.25 14.33 33.50
C LEU A 46 -26.72 13.85 32.13
N GLU A 47 -27.02 12.55 31.96
CA GLU A 47 -27.47 12.10 30.65
C GLU A 47 -28.92 12.45 30.38
N ARG A 48 -29.74 12.54 31.43
CA ARG A 48 -31.10 13.04 31.25
C ARG A 48 -31.09 14.42 30.60
N GLY A 49 -30.06 15.22 30.86
CA GLY A 49 -29.93 16.52 30.24
C GLY A 49 -28.91 16.60 29.12
N CYS A 50 -28.35 15.46 28.68
CA CYS A 50 -27.39 15.41 27.56
C CYS A 50 -26.18 16.31 27.79
N PHE A 51 -25.75 16.43 29.04
CA PHE A 51 -24.50 17.14 29.35
C PHE A 51 -23.33 16.43 28.66
N ASP A 52 -22.33 17.22 28.28
CA ASP A 52 -21.17 16.63 27.61
C ASP A 52 -20.29 15.84 28.58
N CYS A 53 -20.11 16.34 29.80
CA CYS A 53 -19.00 15.83 30.59
C CYS A 53 -19.19 16.14 32.07
N LEU A 54 -18.75 15.20 32.93
CA LEU A 54 -18.56 15.45 34.36
C LEU A 54 -17.09 15.75 34.61
N PHE A 55 -16.78 16.99 34.97
CA PHE A 55 -15.40 17.44 35.16
C PHE A 55 -15.10 17.35 36.65
N ILE A 56 -14.24 16.41 37.04
CA ILE A 56 -13.97 16.14 38.45
C ILE A 56 -12.61 16.74 38.79
N ALA A 57 -12.62 17.78 39.63
CA ALA A 57 -11.40 18.40 40.12
C ALA A 57 -10.75 17.55 41.22
N ASP A 58 -9.55 17.94 41.61
CA ASP A 58 -8.82 17.19 42.64
C ASP A 58 -7.70 18.06 43.22
N VAL A 59 -7.37 17.80 44.48
CA VAL A 59 -6.18 18.33 45.13
C VAL A 59 -5.63 17.24 46.05
N VAL A 60 -4.36 17.37 46.42
CA VAL A 60 -3.75 16.44 47.36
C VAL A 60 -3.06 17.22 48.47
N GLY A 61 -3.28 18.53 48.51
CA GLY A 61 -2.86 19.36 49.63
C GLY A 61 -4.07 20.04 50.27
N VAL A 62 -3.84 20.68 51.41
CA VAL A 62 -4.91 21.28 52.19
C VAL A 62 -4.78 22.79 52.19
N TYR A 63 -5.90 23.47 52.48
CA TYR A 63 -5.97 24.93 52.52
C TYR A 63 -5.67 25.36 53.95
N ASP A 64 -4.41 25.65 54.21
CA ASP A 64 -3.95 25.99 55.55
C ASP A 64 -3.36 27.41 55.65
N VAL A 65 -3.70 28.31 54.71
CA VAL A 65 -3.18 29.68 54.77
C VAL A 65 -3.97 30.54 55.75
N TYR A 66 -5.30 30.51 55.63
CA TYR A 66 -6.13 31.36 56.48
C TYR A 66 -5.98 30.97 57.95
N ARG A 67 -5.59 31.94 58.77
CA ARG A 67 -5.34 31.75 60.20
C ARG A 67 -4.18 30.78 60.47
N GLY A 68 -3.37 30.48 59.45
CA GLY A 68 -2.18 29.67 59.66
C GLY A 68 -2.41 28.20 59.96
N SER A 69 -3.59 27.66 59.64
CA SER A 69 -3.86 26.24 59.85
C SER A 69 -4.95 25.80 58.90
N ALA A 70 -5.15 24.48 58.85
CA ALA A 70 -6.23 23.91 58.06
C ALA A 70 -7.53 23.82 58.83
N GLU A 71 -7.59 24.36 60.05
CA GLU A 71 -8.75 24.08 60.91
C GLU A 71 -10.04 24.63 60.32
N MET A 72 -10.03 25.85 59.80
CA MET A 72 -11.26 26.38 59.22
C MET A 72 -11.70 25.59 57.99
N ALA A 73 -10.75 25.07 57.21
CA ALA A 73 -11.09 24.22 56.07
C ALA A 73 -11.73 22.91 56.52
N LEU A 74 -11.22 22.32 57.60
CA LEU A 74 -11.83 21.09 58.13
C LEU A 74 -13.25 21.36 58.65
N ARG A 75 -13.46 22.50 59.29
CA ARG A 75 -14.76 22.76 59.92
C ARG A 75 -15.87 22.91 58.88
N ASP A 76 -15.56 23.50 57.73
CA ASP A 76 -16.53 23.65 56.65
C ASP A 76 -16.28 22.66 55.50
N ALA A 77 -15.38 21.70 55.69
CA ALA A 77 -15.11 20.65 54.70
C ALA A 77 -14.72 21.25 53.34
N ASP A 78 -13.89 22.29 53.37
CA ASP A 78 -13.44 23.01 52.17
C ASP A 78 -12.32 22.24 51.50
N GLN A 79 -12.72 21.35 50.58
CA GLN A 79 -11.85 20.46 49.80
C GLN A 79 -11.02 19.54 50.68
N VAL A 80 -11.44 19.36 51.93
CA VAL A 80 -10.95 18.30 52.79
C VAL A 80 -12.14 17.83 53.65
N PRO A 81 -12.38 16.51 53.72
CA PRO A 81 -11.67 15.41 53.06
C PRO A 81 -11.83 15.41 51.54
N VAL A 82 -10.87 14.84 50.82
CA VAL A 82 -10.97 14.71 49.38
C VAL A 82 -10.50 13.30 48.99
N ASN A 83 -11.34 12.58 48.25
CA ASN A 83 -11.01 11.24 47.80
C ASN A 83 -10.44 11.27 46.38
N ASP A 84 -9.83 10.15 46.01
CA ASP A 84 -9.24 9.96 44.69
C ASP A 84 -10.33 10.01 43.61
N PRO A 85 -10.23 10.91 42.63
CA PRO A 85 -11.31 11.05 41.64
C PRO A 85 -11.39 9.91 40.63
N PHE A 86 -10.38 9.02 40.57
CA PHE A 86 -10.50 7.83 39.75
C PHE A 86 -11.47 6.82 40.33
N GLY A 87 -11.83 6.99 41.61
CA GLY A 87 -12.46 5.90 42.34
C GLY A 87 -13.80 5.46 41.77
N ALA A 88 -14.68 6.40 41.44
CA ALA A 88 -16.05 6.07 41.06
C ALA A 88 -16.29 6.05 39.55
N ILE A 89 -15.24 6.23 38.74
CA ILE A 89 -15.43 6.38 37.30
C ILE A 89 -16.11 5.16 36.70
N SER A 90 -15.61 3.95 37.01
CA SER A 90 -16.14 2.76 36.34
C SER A 90 -17.60 2.53 36.71
N ALA A 91 -17.95 2.71 37.98
CA ALA A 91 -19.36 2.61 38.37
C ALA A 91 -20.22 3.58 37.56
N MET A 92 -19.73 4.81 37.35
CA MET A 92 -20.52 5.81 36.64
C MET A 92 -20.62 5.49 35.15
N ALA A 93 -19.54 4.94 34.59
CA ALA A 93 -19.56 4.52 33.19
C ALA A 93 -20.48 3.32 32.97
N ALA A 94 -20.63 2.46 33.98
CA ALA A 94 -21.49 1.28 33.85
C ALA A 94 -22.96 1.65 33.69
N VAL A 95 -23.42 2.77 34.25
CA VAL A 95 -24.83 3.15 34.17
C VAL A 95 -25.05 4.28 33.18
N THR A 96 -24.07 4.56 32.32
CA THR A 96 -24.24 5.61 31.32
C THR A 96 -23.74 5.10 29.99
N GLU A 97 -24.07 5.82 28.95
CA GLU A 97 -23.67 5.46 27.60
C GLU A 97 -22.80 6.50 26.92
N HIS A 98 -22.97 7.79 27.24
CA HIS A 98 -22.42 8.87 26.42
C HIS A 98 -21.67 9.96 27.19
N VAL A 99 -22.08 10.27 28.43
CA VAL A 99 -21.45 11.37 29.14
C VAL A 99 -19.96 11.07 29.32
N GLY A 100 -19.12 12.11 29.17
CA GLY A 100 -17.70 11.95 29.39
C GLY A 100 -17.30 12.16 30.86
N PHE A 101 -16.08 11.73 31.19
CA PHE A 101 -15.55 11.88 32.55
C PHE A 101 -14.20 12.55 32.46
N GLY A 102 -14.11 13.78 32.94
CA GLY A 102 -12.84 14.47 33.05
C GLY A 102 -12.23 14.18 34.39
N VAL A 103 -11.06 13.56 34.40
CA VAL A 103 -10.40 13.14 35.63
C VAL A 103 -9.15 13.97 35.81
N THR A 104 -9.03 14.62 36.94
CA THR A 104 -7.85 15.43 37.24
C THR A 104 -6.74 14.53 37.78
N ALA A 105 -5.52 14.70 37.27
CA ALA A 105 -4.37 13.99 37.82
C ALA A 105 -3.13 14.85 37.63
N ALA A 106 -2.39 15.07 38.70
CA ALA A 106 -1.21 15.92 38.64
C ALA A 106 -0.02 15.15 38.08
N ILE A 107 0.87 15.89 37.41
CA ILE A 107 2.12 15.35 36.89
C ILE A 107 3.28 15.56 37.86
N THR A 108 3.01 16.19 39.00
CA THR A 108 4.06 16.56 39.95
C THR A 108 4.61 15.35 40.70
N PHE A 109 3.74 14.40 41.04
CA PHE A 109 4.16 13.32 41.93
C PHE A 109 4.16 11.95 41.28
N GLU A 110 3.32 11.73 40.27
CA GLU A 110 3.17 10.41 39.68
C GLU A 110 4.05 10.27 38.44
N GLN A 111 4.80 9.17 38.39
CA GLN A 111 5.64 8.88 37.23
C GLN A 111 4.77 8.74 35.97
N PRO A 112 5.24 9.22 34.82
CA PRO A 112 4.38 9.18 33.61
C PRO A 112 4.01 7.77 33.16
N TYR A 113 4.93 6.79 33.27
CA TYR A 113 4.60 5.43 32.86
C TYR A 113 3.39 4.88 33.61
N LEU A 114 3.29 5.16 34.91
CA LEU A 114 2.19 4.64 35.71
C LEU A 114 0.90 5.42 35.48
N LEU A 115 0.97 6.75 35.40
CA LEU A 115 -0.24 7.50 35.09
C LEU A 115 -0.79 7.09 33.73
N ALA A 116 0.10 6.86 32.76
CA ALA A 116 -0.31 6.42 31.44
C ALA A 116 -1.18 5.16 31.50
N ARG A 117 -0.80 4.21 32.36
CA ARG A 117 -1.58 2.97 32.48
C ARG A 117 -2.92 3.24 33.17
N ARG A 118 -2.92 4.08 34.21
CA ARG A 118 -4.18 4.33 34.91
C ARG A 118 -5.19 5.03 34.00
N LEU A 119 -4.72 5.96 33.15
CA LEU A 119 -5.64 6.64 32.24
C LEU A 119 -6.04 5.74 31.07
N SER A 120 -5.09 4.98 30.52
CA SER A 120 -5.43 3.99 29.48
C SER A 120 -6.48 3.02 29.99
N THR A 121 -6.32 2.55 31.23
CA THR A 121 -7.28 1.62 31.82
C THR A 121 -8.69 2.21 31.84
N LEU A 122 -8.81 3.51 32.20
CA LEU A 122 -10.13 4.13 32.20
C LEU A 122 -10.67 4.30 30.78
N ASP A 123 -9.80 4.57 29.81
CA ASP A 123 -10.26 4.69 28.44
C ASP A 123 -10.80 3.36 27.93
N HIS A 124 -10.15 2.25 28.29
CA HIS A 124 -10.72 0.93 27.98
C HIS A 124 -12.08 0.76 28.65
N LEU A 125 -12.14 0.90 29.97
CA LEU A 125 -13.35 0.55 30.71
C LEU A 125 -14.54 1.46 30.33
N THR A 126 -14.29 2.76 30.15
CA THR A 126 -15.38 3.65 29.74
C THR A 126 -15.65 3.61 28.26
N LYS A 127 -14.81 2.92 27.48
CA LYS A 127 -14.96 2.80 26.04
C LYS A 127 -14.82 4.18 25.38
N GLY A 128 -13.76 4.89 25.74
CA GLY A 128 -13.40 6.11 25.05
C GLY A 128 -14.07 7.37 25.55
N ARG A 129 -14.39 7.46 26.84
CA ARG A 129 -15.14 8.59 27.36
C ARG A 129 -14.38 9.34 28.46
N VAL A 130 -13.06 9.24 28.50
CA VAL A 130 -12.27 9.86 29.56
C VAL A 130 -11.57 11.09 29.00
N ALA A 131 -11.47 12.10 29.83
CA ALA A 131 -10.63 13.26 29.61
C ALA A 131 -9.66 13.36 30.77
N TRP A 132 -8.43 13.76 30.47
CA TRP A 132 -7.39 13.93 31.47
C TRP A 132 -7.22 15.43 31.70
N ASN A 133 -7.54 15.88 32.91
CA ASN A 133 -7.30 17.26 33.28
C ASN A 133 -5.89 17.35 33.86
N VAL A 134 -4.97 17.90 33.07
CA VAL A 134 -3.54 17.96 33.37
C VAL A 134 -3.27 19.12 34.33
N VAL A 135 -2.85 18.82 35.56
CA VAL A 135 -2.55 19.87 36.51
C VAL A 135 -1.13 19.70 37.04
N SER A 136 -0.59 20.81 37.57
CA SER A 136 0.67 20.84 38.31
C SER A 136 0.35 21.26 39.74
N SER A 137 0.35 20.29 40.66
CA SER A 137 -0.05 20.53 42.05
C SER A 137 0.73 21.70 42.65
N TYR A 138 0.04 22.50 43.47
CA TYR A 138 0.68 23.67 44.05
C TYR A 138 0.48 23.82 45.55
N LEU A 139 -0.51 23.17 46.16
CA LEU A 139 -0.73 23.39 47.58
C LEU A 139 0.40 22.79 48.41
N ASN A 140 0.87 23.56 49.39
CA ASN A 140 2.18 23.35 49.99
C ASN A 140 2.26 22.04 50.77
N SER A 141 1.19 21.64 51.45
CA SER A 141 1.25 20.43 52.26
C SER A 141 1.38 19.17 51.39
N ALA A 142 1.01 19.24 50.11
CA ALA A 142 1.24 18.11 49.22
C ALA A 142 2.73 17.83 49.06
N ALA A 143 3.51 18.88 48.77
CA ALA A 143 4.96 18.73 48.68
C ALA A 143 5.53 18.18 49.98
N LEU A 144 5.06 18.68 51.13
CA LEU A 144 5.60 18.26 52.41
C LEU A 144 5.24 16.80 52.75
N ASN A 145 4.06 16.34 52.33
CA ASN A 145 3.55 15.01 52.72
C ASN A 145 3.91 13.92 51.73
N ILE A 146 4.12 14.28 50.47
CA ILE A 146 4.41 13.34 49.41
C ILE A 146 5.88 13.35 49.03
N GLY A 147 6.48 14.53 48.98
CA GLY A 147 7.88 14.66 48.70
C GLY A 147 8.09 15.14 47.27
N MET A 148 9.02 16.06 47.10
CA MET A 148 9.45 16.48 45.78
C MET A 148 10.97 16.43 45.72
N ASP A 149 11.49 16.12 44.53
CA ASP A 149 12.92 16.09 44.34
C ASP A 149 13.46 17.52 44.31
N GLN A 150 14.36 17.83 45.23
CA GLN A 150 14.85 19.19 45.37
C GLN A 150 15.95 19.54 44.37
N GLN A 151 16.48 18.56 43.63
CA GLN A 151 17.48 18.84 42.61
C GLN A 151 16.87 19.29 41.29
N LEU A 152 15.56 19.54 41.25
CA LEU A 152 14.89 20.10 40.09
C LEU A 152 14.66 21.59 40.28
N ALA A 153 15.11 22.37 39.32
CA ALA A 153 14.92 23.80 39.34
C ALA A 153 13.50 24.15 38.93
N HIS A 154 12.77 24.82 39.82
CA HIS A 154 11.40 25.24 39.50
C HIS A 154 11.37 26.22 38.33
N ASP A 155 12.50 26.86 37.99
CA ASP A 155 12.57 27.64 36.76
C ASP A 155 12.29 26.78 35.53
N GLU A 156 12.50 25.47 35.63
CA GLU A 156 12.40 24.57 34.49
C GLU A 156 11.12 23.72 34.51
N ARG A 157 10.10 24.14 35.28
CA ARG A 157 8.92 23.30 35.45
C ARG A 157 8.23 23.02 34.12
N TYR A 158 8.21 23.99 33.20
CA TYR A 158 7.49 23.80 31.94
C TYR A 158 8.30 23.01 30.93
N GLU A 159 9.63 23.06 31.00
CA GLU A 159 10.44 22.12 30.25
C GLU A 159 10.21 20.69 30.76
N MET A 160 10.12 20.55 32.08
CA MET A 160 9.77 19.27 32.68
C MET A 160 8.41 18.81 32.19
N ALA A 161 7.42 19.71 32.22
CA ALA A 161 6.06 19.34 31.84
C ALA A 161 5.99 18.95 30.37
N ASP A 162 6.76 19.64 29.51
CA ASP A 162 6.78 19.29 28.09
C ASP A 162 7.25 17.86 27.89
N GLU A 163 8.34 17.49 28.57
CA GLU A 163 8.89 16.15 28.35
C GLU A 163 8.00 15.09 28.97
N TYR A 164 7.34 15.43 30.08
CA TYR A 164 6.35 14.54 30.67
C TYR A 164 5.28 14.15 29.65
N MET A 165 4.69 15.14 28.95
CA MET A 165 3.65 14.87 27.96
C MET A 165 4.20 14.11 26.76
N GLU A 166 5.41 14.47 26.32
CA GLU A 166 6.09 13.71 25.27
C GLU A 166 6.11 12.21 25.59
N VAL A 167 6.52 11.86 26.82
CA VAL A 167 6.53 10.46 27.25
C VAL A 167 5.13 9.86 27.13
N MET A 168 4.12 10.55 27.69
CA MET A 168 2.73 10.06 27.64
C MET A 168 2.29 9.83 26.21
N TYR A 169 2.51 10.84 25.34
CA TYR A 169 2.09 10.71 23.93
C TYR A 169 2.83 9.57 23.22
N LYS A 170 4.10 9.34 23.54
CA LYS A 170 4.83 8.23 22.92
C LYS A 170 4.25 6.90 23.34
N LEU A 171 3.92 6.75 24.63
CA LEU A 171 3.35 5.50 25.11
C LEU A 171 2.00 5.24 24.47
N TRP A 172 1.13 6.27 24.43
CA TRP A 172 -0.25 6.12 23.97
C TRP A 172 -0.36 5.98 22.46
N GLU A 173 0.39 6.78 21.71
CA GLU A 173 0.27 6.88 20.25
C GLU A 173 1.29 6.04 19.49
N GLY A 174 2.54 5.99 19.93
CA GLY A 174 3.60 5.39 19.13
C GLY A 174 4.02 3.98 19.47
N SER A 175 3.89 3.60 20.74
CA SER A 175 4.50 2.36 21.22
C SER A 175 3.89 1.13 20.55
N TRP A 176 2.56 1.05 20.45
CA TRP A 176 1.91 -0.05 19.73
C TRP A 176 1.32 0.48 18.44
N GLU A 177 1.61 -0.18 17.33
CA GLU A 177 0.96 0.13 16.07
C GLU A 177 -0.49 -0.37 16.08
N ASP A 178 -1.30 0.28 15.24
CA ASP A 178 -2.72 -0.06 15.13
C ASP A 178 -2.94 -1.55 14.96
N ASP A 179 -2.14 -2.21 14.13
CA ASP A 179 -2.42 -3.62 13.83
C ASP A 179 -1.49 -4.58 14.60
N ALA A 180 -0.86 -4.12 15.69
CA ALA A 180 -0.14 -5.01 16.58
C ALA A 180 -1.06 -6.08 17.16
N VAL A 181 -2.19 -5.67 17.74
CA VAL A 181 -3.06 -6.59 18.46
C VAL A 181 -3.87 -7.40 17.46
N LYS A 182 -3.87 -8.72 17.61
CA LYS A 182 -4.57 -9.64 16.74
C LYS A 182 -5.78 -10.30 17.39
N ARG A 183 -5.66 -10.64 18.68
CA ARG A 183 -6.75 -11.26 19.44
C ARG A 183 -7.28 -12.50 18.71
N ASP A 184 -6.37 -13.25 18.12
CA ASP A 184 -6.71 -14.30 17.16
C ASP A 184 -6.67 -15.64 17.88
N LYS A 185 -7.83 -16.14 18.30
CA LYS A 185 -7.86 -17.39 19.07
C LYS A 185 -7.37 -18.58 18.25
N LYS A 186 -7.61 -18.58 16.94
CA LYS A 186 -7.22 -19.74 16.14
C LYS A 186 -5.72 -19.76 15.88
N SER A 187 -5.14 -18.66 15.42
CA SER A 187 -3.69 -18.62 15.29
C SER A 187 -2.98 -18.58 16.65
N GLY A 188 -3.70 -18.24 17.74
CA GLY A 188 -3.06 -18.19 19.04
C GLY A 188 -2.19 -16.97 19.26
N VAL A 189 -2.24 -15.99 18.36
CA VAL A 189 -1.46 -14.76 18.48
C VAL A 189 -2.37 -13.70 19.10
N PHE A 190 -2.04 -13.26 20.30
CA PHE A 190 -2.78 -12.14 20.86
C PHE A 190 -2.23 -10.81 20.35
N THR A 191 -0.91 -10.62 20.43
CA THR A 191 -0.24 -9.43 19.92
C THR A 191 0.98 -9.85 19.10
N ASP A 192 1.20 -9.17 17.98
CA ASP A 192 2.39 -9.37 17.17
C ASP A 192 3.50 -8.45 17.70
N GLY A 193 4.48 -9.05 18.36
CA GLY A 193 5.55 -8.33 19.02
C GLY A 193 6.48 -7.54 18.10
N SER A 194 6.38 -7.73 16.78
CA SER A 194 7.14 -6.88 15.86
C SER A 194 6.45 -5.57 15.57
N LYS A 195 5.23 -5.37 16.07
CA LYS A 195 4.51 -4.11 15.95
C LYS A 195 4.39 -3.39 17.28
N VAL A 196 5.12 -3.85 18.30
CA VAL A 196 5.20 -3.20 19.60
C VAL A 196 6.60 -2.64 19.73
N HIS A 197 6.73 -1.40 20.19
CA HIS A 197 7.99 -0.69 20.09
C HIS A 197 8.37 -0.09 21.46
N PRO A 198 9.56 -0.40 21.96
CA PRO A 198 10.10 0.43 23.06
C PRO A 198 10.20 1.87 22.59
N ILE A 199 9.80 2.80 23.45
CA ILE A 199 9.77 4.19 23.00
C ILE A 199 11.17 4.81 23.04
N ASN A 200 12.10 4.19 23.78
CA ASN A 200 13.50 4.63 23.84
C ASN A 200 13.58 6.12 24.15
N HIS A 201 12.83 6.53 25.18
CA HIS A 201 12.82 7.93 25.57
C HIS A 201 13.94 8.18 26.57
N GLN A 202 14.74 9.22 26.29
CA GLN A 202 15.77 9.62 27.25
C GLN A 202 15.97 11.12 27.08
N GLY A 203 15.22 11.89 27.84
CA GLY A 203 15.30 13.34 27.80
C GLY A 203 16.09 13.86 28.97
N LYS A 204 16.01 15.14 29.26
CA LYS A 204 16.73 15.71 30.39
C LYS A 204 16.14 15.23 31.71
N TYR A 205 14.83 14.95 31.76
CA TYR A 205 14.16 14.71 33.03
C TYR A 205 13.59 13.30 33.17
N TYR A 206 13.35 12.59 32.08
CA TYR A 206 12.76 11.27 32.18
C TYR A 206 13.53 10.29 31.32
N LYS A 207 13.67 9.07 31.83
CA LYS A 207 14.22 7.96 31.09
C LYS A 207 13.17 6.86 31.13
N VAL A 208 12.56 6.59 29.98
CA VAL A 208 11.57 5.53 29.83
C VAL A 208 11.93 4.74 28.58
N PRO A 209 12.72 3.65 28.71
CA PRO A 209 13.14 2.90 27.52
C PRO A 209 12.06 2.02 26.91
N GLY A 210 11.16 1.48 27.74
CA GLY A 210 10.34 0.37 27.34
C GLY A 210 9.08 0.76 26.58
N PHE A 211 8.17 -0.19 26.49
CA PHE A 211 6.93 -0.02 25.74
C PHE A 211 5.75 0.04 26.70
N HIS A 212 4.67 0.66 26.23
CA HIS A 212 3.48 0.85 27.04
C HIS A 212 2.89 -0.52 27.40
N ILE A 213 2.44 -0.67 28.63
CA ILE A 213 2.05 -1.99 29.10
C ILE A 213 0.55 -2.21 28.84
N CYS A 214 -0.10 -1.28 28.15
CA CYS A 214 -1.50 -1.40 27.75
C CYS A 214 -1.64 -1.44 26.23
N GLU A 215 -2.62 -2.22 25.76
CA GLU A 215 -2.93 -2.22 24.33
C GLU A 215 -3.68 -0.94 23.97
N PRO A 216 -3.69 -0.57 22.69
CA PRO A 216 -4.36 0.67 22.28
C PRO A 216 -5.83 0.70 22.70
N SER A 217 -6.23 1.81 23.31
CA SER A 217 -7.57 2.08 23.77
C SER A 217 -8.35 2.87 22.72
N PRO A 218 -9.67 2.97 22.84
CA PRO A 218 -10.47 3.62 21.77
C PRO A 218 -10.03 5.01 21.36
N GLN A 219 -9.62 5.87 22.29
CA GLN A 219 -9.14 7.20 21.94
C GLN A 219 -7.62 7.29 21.86
N ARG A 220 -6.92 6.31 22.40
CA ARG A 220 -5.48 6.28 22.48
C ARG A 220 -5.00 7.29 23.51
N THR A 221 -4.99 8.55 23.13
CA THR A 221 -4.71 9.63 24.06
C THR A 221 -6.04 10.17 24.59
N PRO A 222 -6.28 10.16 25.90
CA PRO A 222 -7.50 10.77 26.41
C PRO A 222 -7.59 12.23 26.02
N VAL A 223 -8.81 12.75 25.96
CA VAL A 223 -8.99 14.17 25.70
C VAL A 223 -8.20 14.95 26.73
N ILE A 224 -7.41 15.92 26.26
CA ILE A 224 -6.56 16.70 27.14
C ILE A 224 -7.31 17.95 27.60
N PHE A 225 -7.56 18.03 28.90
CA PHE A 225 -8.09 19.25 29.52
C PHE A 225 -6.96 19.95 30.26
N GLN A 226 -6.98 21.28 30.24
CA GLN A 226 -5.97 22.07 30.95
C GLN A 226 -6.58 23.39 31.41
N ALA A 227 -6.07 23.90 32.50
CA ALA A 227 -6.47 25.22 32.98
C ALA A 227 -5.76 26.28 32.16
N GLY A 228 -6.50 27.36 31.85
CA GLY A 228 -5.88 28.51 31.25
C GLY A 228 -4.75 29.05 32.12
N ALA A 229 -3.74 29.61 31.47
CA ALA A 229 -2.57 30.09 32.17
C ALA A 229 -1.98 31.26 31.41
N SER A 230 -1.12 31.99 32.10
CA SER A 230 -0.48 33.16 31.53
C SER A 230 1.02 32.93 31.45
N GLY A 231 1.67 33.79 30.66
CA GLY A 231 3.11 33.70 30.50
C GLY A 231 3.56 32.39 29.86
N ARG A 232 4.57 31.78 30.42
CA ARG A 232 5.11 30.54 29.88
C ARG A 232 4.08 29.42 29.89
N GLY A 233 3.30 29.33 30.93
CA GLY A 233 2.26 28.31 30.98
C GLY A 233 1.19 28.46 29.92
N SER A 234 1.06 29.65 29.32
CA SER A 234 0.09 29.82 28.25
C SER A 234 0.51 29.09 26.98
N LYS A 235 1.81 28.91 26.77
CA LYS A 235 2.26 28.15 25.61
C LYS A 235 2.04 26.66 25.83
N PHE A 236 2.33 26.18 27.04
CA PHE A 236 2.07 24.78 27.40
C PHE A 236 0.60 24.43 27.18
N ALA A 237 -0.32 25.29 27.66
CA ALA A 237 -1.75 25.02 27.54
C ALA A 237 -2.18 25.05 26.08
N ALA A 238 -1.79 26.08 25.33
CA ALA A 238 -2.22 26.21 23.94
C ALA A 238 -1.68 25.10 23.05
N SER A 239 -0.49 24.57 23.36
CA SER A 239 0.03 23.47 22.55
C SER A 239 -0.78 22.18 22.77
N ASN A 240 -1.18 21.88 24.00
CA ASN A 240 -1.69 20.54 24.30
C ASN A 240 -3.21 20.47 24.48
N ALA A 241 -3.85 21.53 24.97
CA ALA A 241 -5.23 21.44 25.40
C ALA A 241 -6.18 21.19 24.24
N GLU A 242 -7.07 20.21 24.40
CA GLU A 242 -8.24 20.13 23.54
C GLU A 242 -9.46 20.78 24.18
N GLY A 243 -9.55 20.80 25.51
CA GLY A 243 -10.49 21.62 26.24
C GLY A 243 -9.71 22.48 27.21
N MET A 244 -9.98 23.79 27.25
CA MET A 244 -9.27 24.67 28.16
C MET A 244 -10.27 25.29 29.14
N PHE A 245 -9.95 25.20 30.42
CA PHE A 245 -10.84 25.60 31.51
C PHE A 245 -10.34 26.94 32.04
N ILE A 246 -11.12 28.00 31.85
CA ILE A 246 -10.68 29.35 32.16
C ILE A 246 -11.53 29.94 33.28
N LEU A 247 -10.96 30.94 33.94
CA LEU A 247 -11.62 31.71 34.97
C LEU A 247 -11.73 33.14 34.45
N THR A 248 -12.95 33.58 34.13
CA THR A 248 -13.16 34.95 33.67
C THR A 248 -14.35 35.59 34.38
N THR A 249 -14.22 36.87 34.73
CA THR A 249 -15.18 37.53 35.60
C THR A 249 -16.09 38.50 34.87
N SER A 250 -15.87 38.73 33.58
CA SER A 250 -16.80 39.57 32.83
C SER A 250 -16.76 39.17 31.37
N VAL A 251 -17.85 39.47 30.66
CA VAL A 251 -17.91 39.21 29.22
C VAL A 251 -16.80 39.97 28.50
N GLU A 252 -16.56 41.21 28.93
CA GLU A 252 -15.52 42.03 28.31
C GLU A 252 -14.16 41.38 28.44
N GLN A 253 -13.77 41.00 29.65
CA GLN A 253 -12.51 40.29 29.85
C GLN A 253 -12.46 38.97 29.08
N ALA A 254 -13.61 38.31 28.91
CA ALA A 254 -13.60 37.03 28.21
C ALA A 254 -13.27 37.21 26.73
N ARG A 255 -13.73 38.31 26.13
CA ARG A 255 -13.42 38.56 24.72
C ARG A 255 -11.92 38.50 24.47
N GLN A 256 -11.13 39.10 25.38
CA GLN A 256 -9.67 39.13 25.20
C GLN A 256 -9.04 37.79 25.56
N ILE A 257 -9.48 37.16 26.64
CA ILE A 257 -8.92 35.86 27.03
C ILE A 257 -9.07 34.85 25.90
N THR A 258 -10.27 34.75 25.32
CA THR A 258 -10.49 33.70 24.31
C THR A 258 -9.89 34.04 22.97
N THR A 259 -9.85 35.33 22.61
CA THR A 259 -9.10 35.74 21.42
C THR A 259 -7.62 35.44 21.58
N ASP A 260 -7.05 35.73 22.76
CA ASP A 260 -5.64 35.41 23.01
C ASP A 260 -5.36 33.91 22.94
N ILE A 261 -6.21 33.09 23.55
CA ILE A 261 -6.00 31.64 23.54
C ILE A 261 -5.99 31.11 22.12
N ARG A 262 -6.94 31.58 21.30
CA ARG A 262 -7.00 31.09 19.92
C ARG A 262 -5.87 31.65 19.05
N ASN A 263 -5.33 32.84 19.40
CA ASN A 263 -4.09 33.29 18.77
C ASN A 263 -2.94 32.35 19.11
N GLN A 264 -2.83 31.99 20.40
CA GLN A 264 -1.78 31.07 20.83
C GLN A 264 -1.94 29.68 20.21
N ALA A 265 -3.17 29.24 19.97
CA ALA A 265 -3.37 27.94 19.31
C ALA A 265 -2.77 27.96 17.92
N GLU A 266 -3.10 28.99 17.14
CA GLU A 266 -2.54 29.14 15.81
C GLU A 266 -1.01 29.28 15.85
N ALA A 267 -0.49 30.03 16.83
CA ALA A 267 0.96 30.14 16.98
C ALA A 267 1.61 28.78 17.16
N ALA A 268 0.89 27.82 17.75
CA ALA A 268 1.40 26.47 17.99
C ALA A 268 1.13 25.51 16.83
N GLY A 269 0.62 26.00 15.71
CA GLY A 269 0.38 25.15 14.55
C GLY A 269 -1.00 24.54 14.47
N ARG A 270 -1.95 25.01 15.26
CA ARG A 270 -3.30 24.44 15.32
C ARG A 270 -4.31 25.45 14.80
N SER A 271 -5.57 25.05 14.75
CA SER A 271 -6.66 25.92 14.35
C SER A 271 -7.22 26.69 15.54
N ARG A 272 -7.90 27.81 15.25
CA ARG A 272 -8.55 28.57 16.30
C ARG A 272 -9.66 27.76 16.99
N ASP A 273 -10.27 26.81 16.27
CA ASP A 273 -11.31 25.98 16.84
C ASP A 273 -10.80 24.63 17.34
N SER A 274 -9.49 24.45 17.44
CA SER A 274 -8.91 23.21 17.94
C SER A 274 -9.06 23.06 19.45
N ILE A 275 -9.23 24.17 20.16
CA ILE A 275 -9.38 24.18 21.60
C ILE A 275 -10.80 24.62 21.92
N LYS A 276 -11.49 23.84 22.73
CA LYS A 276 -12.80 24.22 23.23
C LYS A 276 -12.60 24.87 24.58
N ILE A 277 -13.19 26.05 24.78
CA ILE A 277 -12.90 26.87 25.95
C ILE A 277 -14.12 26.84 26.88
N PHE A 278 -13.90 26.43 28.11
CA PHE A 278 -14.96 26.29 29.10
C PHE A 278 -14.65 27.24 30.24
N MET A 279 -15.65 28.00 30.67
CA MET A 279 -15.45 28.95 31.75
C MET A 279 -16.20 28.48 32.99
N LEU A 280 -15.64 28.79 34.14
CA LEU A 280 -16.31 28.52 35.40
C LEU A 280 -17.52 29.43 35.55
N LEU A 281 -18.64 28.86 35.98
CA LEU A 281 -19.90 29.60 36.15
C LEU A 281 -20.77 28.82 37.12
N THR A 282 -21.43 29.55 38.01
CA THR A 282 -22.45 29.01 38.92
C THR A 282 -23.80 29.64 38.58
N VAL A 283 -24.78 28.79 38.31
CA VAL A 283 -26.11 29.22 37.91
C VAL A 283 -27.08 28.87 39.04
N ILE A 284 -27.74 29.87 39.59
CA ILE A 284 -28.88 29.69 40.48
C ILE A 284 -30.12 30.12 39.71
N THR A 285 -31.07 29.20 39.52
CA THR A 285 -32.23 29.54 38.70
C THR A 285 -33.50 28.98 39.34
N GLY A 286 -34.59 29.10 38.58
CA GLY A 286 -35.93 28.79 39.04
C GLY A 286 -36.94 29.30 38.02
N ASP A 287 -38.22 29.25 38.39
CA ASP A 287 -39.27 29.57 37.43
C ASP A 287 -39.32 31.05 37.07
N SER A 288 -38.82 31.93 37.94
CA SER A 288 -38.84 33.37 37.70
C SER A 288 -37.56 33.98 38.27
N ASP A 289 -37.29 35.23 37.88
CA ASP A 289 -36.16 35.94 38.49
C ASP A 289 -36.37 36.05 40.00
N GLU A 290 -37.62 36.22 40.43
CA GLU A 290 -37.91 36.37 41.86
C GLU A 290 -37.63 35.07 42.60
N ALA A 291 -38.02 33.94 42.02
CA ALA A 291 -37.75 32.65 42.64
C ALA A 291 -36.25 32.37 42.66
N ALA A 292 -35.56 32.66 41.54
CA ALA A 292 -34.11 32.44 41.52
C ALA A 292 -33.41 33.27 42.58
N GLU A 293 -33.86 34.50 42.78
CA GLU A 293 -33.24 35.36 43.78
C GLU A 293 -33.50 34.86 45.19
N ALA A 294 -34.74 34.43 45.49
CA ALA A 294 -35.03 33.92 46.83
C ALA A 294 -34.25 32.64 47.12
N LYS A 295 -34.06 31.79 46.11
CA LYS A 295 -33.22 30.60 46.29
C LYS A 295 -31.78 30.99 46.60
N TYR A 296 -31.26 31.98 45.87
CA TYR A 296 -29.92 32.50 46.12
C TYR A 296 -29.76 32.97 47.57
N GLN A 297 -30.71 33.78 48.06
CA GLN A 297 -30.60 34.28 49.42
C GLN A 297 -30.75 33.16 50.43
N GLU A 298 -31.60 32.17 50.12
CA GLU A 298 -31.75 31.01 51.00
C GLU A 298 -30.44 30.24 51.13
N TYR A 299 -29.75 30.01 50.00
CA TYR A 299 -28.43 29.41 50.07
C TYR A 299 -27.47 30.26 50.89
N LEU A 300 -27.45 31.58 50.63
CA LEU A 300 -26.53 32.45 51.36
C LEU A 300 -26.77 32.42 52.86
N SER A 301 -28.00 32.14 53.31
CA SER A 301 -28.20 32.11 54.75
C SER A 301 -27.45 30.95 55.41
N TYR A 302 -27.00 29.95 54.64
CA TYR A 302 -26.16 28.88 55.14
C TYR A 302 -24.67 29.15 54.96
N ALA A 303 -24.29 30.34 54.47
CA ALA A 303 -22.90 30.59 54.12
C ALA A 303 -22.00 30.47 55.34
N ASN A 304 -20.78 29.95 55.12
CA ASN A 304 -19.73 29.95 56.13
C ASN A 304 -18.60 30.83 55.63
N PRO A 305 -18.57 32.12 56.01
CA PRO A 305 -17.52 33.02 55.50
C PRO A 305 -16.11 32.55 55.83
N GLU A 306 -15.91 31.97 57.01
CA GLU A 306 -14.58 31.45 57.34
C GLU A 306 -14.19 30.26 56.49
N GLY A 307 -15.17 29.52 55.93
CA GLY A 307 -14.83 28.50 54.95
C GLY A 307 -14.38 29.08 53.62
N MET A 308 -14.99 30.17 53.18
CA MET A 308 -14.54 30.79 51.94
C MET A 308 -13.20 31.50 52.12
N LEU A 309 -12.89 31.96 53.33
CA LEU A 309 -11.58 32.55 53.59
C LEU A 309 -10.48 31.49 53.55
N ALA A 310 -10.78 30.27 53.99
CA ALA A 310 -9.81 29.19 53.85
C ALA A 310 -9.52 28.94 52.38
N LEU A 311 -10.57 28.91 51.54
CA LEU A 311 -10.38 28.64 50.12
C LEU A 311 -9.62 29.77 49.46
N TYR A 312 -10.03 31.01 49.75
CA TYR A 312 -9.30 32.19 49.26
C TYR A 312 -7.83 32.11 49.63
N GLY A 313 -7.53 31.74 50.88
CA GLY A 313 -6.15 31.63 51.31
C GLY A 313 -5.33 30.71 50.42
N GLY A 314 -5.84 29.51 50.17
CA GLY A 314 -5.13 28.59 49.29
C GLY A 314 -5.12 29.05 47.85
N TRP A 315 -6.21 29.68 47.39
CA TRP A 315 -6.28 30.09 45.99
C TRP A 315 -5.38 31.28 45.69
N THR A 316 -5.28 32.24 46.61
CA THR A 316 -4.52 33.46 46.33
C THR A 316 -3.26 33.62 47.16
N GLY A 317 -3.11 32.87 48.26
CA GLY A 317 -1.99 33.07 49.15
C GLY A 317 -2.18 34.12 50.22
N ILE A 318 -3.31 34.82 50.25
CA ILE A 318 -3.52 35.89 51.20
C ILE A 318 -4.24 35.34 52.42
N ASP A 319 -3.64 35.54 53.60
CA ASP A 319 -4.25 35.15 54.88
C ASP A 319 -5.14 36.29 55.34
N PHE A 320 -6.46 36.14 55.15
CA PHE A 320 -7.39 37.20 55.55
C PHE A 320 -7.40 37.48 57.04
N ALA A 321 -6.79 36.64 57.88
CA ALA A 321 -6.71 36.99 59.29
C ALA A 321 -5.89 38.25 59.52
N LYS A 322 -5.09 38.68 58.54
CA LYS A 322 -4.31 39.90 58.58
C LYS A 322 -5.07 41.12 58.09
N LEU A 323 -6.29 40.95 57.61
CA LEU A 323 -7.03 42.01 56.95
C LEU A 323 -8.12 42.54 57.88
N ASP A 324 -8.87 43.53 57.39
CA ASP A 324 -9.85 44.24 58.20
C ASP A 324 -11.24 43.97 57.64
N PRO A 325 -12.15 43.35 58.40
CA PRO A 325 -13.47 43.01 57.85
C PRO A 325 -14.35 44.21 57.55
N ASP A 326 -14.08 45.36 58.18
CA ASP A 326 -14.97 46.51 58.08
C ASP A 326 -14.52 47.56 57.08
N GLU A 327 -13.33 47.44 56.49
CA GLU A 327 -12.96 48.36 55.44
C GLU A 327 -13.80 48.08 54.19
N PRO A 328 -14.12 49.11 53.40
CA PRO A 328 -14.81 48.87 52.14
C PRO A 328 -13.92 48.15 51.15
N LEU A 329 -14.56 47.42 50.24
CA LEU A 329 -13.83 46.68 49.20
C LEU A 329 -12.88 47.58 48.42
N GLN A 330 -13.33 48.78 48.06
CA GLN A 330 -12.52 49.68 47.24
C GLN A 330 -11.19 50.04 47.90
N ALA A 331 -11.09 49.92 49.23
CA ALA A 331 -9.87 50.24 49.97
C ALA A 331 -8.95 49.03 50.19
N MET A 332 -9.29 47.87 49.65
CA MET A 332 -8.44 46.69 49.83
C MET A 332 -7.07 46.91 49.21
N GLU A 333 -6.03 46.45 49.92
CA GLU A 333 -4.67 46.75 49.51
C GLU A 333 -4.29 45.96 48.26
N ASN A 334 -4.51 44.66 48.26
CA ASN A 334 -4.04 43.81 47.18
C ASN A 334 -4.76 44.13 45.89
N ASP A 335 -4.01 44.58 44.87
CA ASP A 335 -4.61 44.97 43.59
C ASP A 335 -5.34 43.81 42.93
N SER A 336 -4.72 42.64 42.91
CA SER A 336 -5.25 41.55 42.10
C SER A 336 -6.55 41.01 42.67
N LEU A 337 -6.64 40.86 44.00
CA LEU A 337 -7.88 40.34 44.54
C LEU A 337 -8.97 41.42 44.58
N ARG A 338 -8.62 42.63 45.04
CA ARG A 338 -9.57 43.75 45.03
C ARG A 338 -10.19 43.90 43.65
N THR A 339 -9.38 43.85 42.59
CA THR A 339 -9.93 44.06 41.26
C THR A 339 -10.80 42.89 40.81
N THR A 340 -10.50 41.65 41.25
CA THR A 340 -11.37 40.55 40.85
C THR A 340 -12.65 40.54 41.68
N LEU A 341 -12.55 40.77 42.99
CA LEU A 341 -13.76 40.91 43.80
C LEU A 341 -14.67 42.02 43.29
N GLU A 342 -14.09 43.14 42.85
CA GLU A 342 -14.91 44.24 42.36
C GLU A 342 -15.63 43.87 41.06
N SER A 343 -14.97 43.10 40.19
CA SER A 343 -15.65 42.67 38.97
C SER A 343 -16.74 41.63 39.26
N LEU A 344 -16.62 40.89 40.37
CA LEU A 344 -17.58 39.85 40.71
C LEU A 344 -18.81 40.35 41.46
N THR A 345 -18.76 41.55 42.04
CA THR A 345 -19.90 42.05 42.84
C THR A 345 -20.55 43.26 42.18
N HIS A 346 -21.83 43.44 42.46
CA HIS A 346 -22.70 44.55 42.01
C HIS A 346 -23.74 44.87 43.08
N LYS A 351 -16.34 49.21 45.37
CA LYS A 351 -17.71 49.11 45.89
C LYS A 351 -17.76 49.66 47.32
N LYS A 352 -18.94 49.98 47.82
CA LYS A 352 -18.98 50.53 49.15
C LYS A 352 -19.25 49.52 50.26
N TRP A 353 -19.48 48.27 49.90
CA TRP A 353 -19.69 47.26 50.93
C TRP A 353 -18.38 46.94 51.63
N THR A 354 -18.50 46.59 52.91
CA THR A 354 -17.31 46.18 53.66
C THR A 354 -16.78 44.87 53.10
N VAL A 355 -15.51 44.57 53.44
CA VAL A 355 -14.94 43.30 53.02
C VAL A 355 -15.76 42.14 53.57
N ARG A 356 -16.30 42.30 54.78
CA ARG A 356 -17.15 41.26 55.36
C ARG A 356 -18.37 40.97 54.50
N ASP A 357 -19.04 42.02 54.00
CA ASP A 357 -20.25 41.84 53.19
C ASP A 357 -19.94 41.15 51.85
N VAL A 358 -18.80 41.50 51.24
CA VAL A 358 -18.42 40.88 49.99
C VAL A 358 -18.12 39.39 50.19
N ILE A 359 -17.31 39.06 51.21
CA ILE A 359 -16.93 37.67 51.45
C ILE A 359 -18.16 36.79 51.63
N ARG A 360 -19.17 37.32 52.34
CA ARG A 360 -20.39 36.55 52.55
C ARG A 360 -21.09 36.23 51.22
N GLU A 361 -21.25 37.24 50.36
CA GLU A 361 -21.81 36.98 49.03
C GLU A 361 -20.97 35.99 48.25
N ARG A 362 -19.64 36.07 48.39
CA ARG A 362 -18.75 35.18 47.64
C ARG A 362 -18.74 33.75 48.18
N CYS A 363 -19.39 33.48 49.31
CA CYS A 363 -19.55 32.10 49.76
C CYS A 363 -20.24 31.22 48.73
N ILE A 364 -20.87 31.81 47.71
CA ILE A 364 -21.33 31.10 46.52
C ILE A 364 -20.53 31.62 45.32
N GLY A 365 -19.89 30.70 44.60
CA GLY A 365 -19.24 31.03 43.34
C GLY A 365 -17.74 31.03 43.41
N GLY A 366 -17.16 31.12 44.60
CA GLY A 366 -15.72 31.14 44.75
C GLY A 366 -15.09 32.39 44.18
N LEU A 367 -14.29 32.19 43.12
CA LEU A 367 -13.70 33.28 42.35
C LEU A 367 -14.29 33.36 40.95
N GLY A 368 -15.39 32.66 40.69
CA GLY A 368 -16.02 32.71 39.40
C GLY A 368 -17.33 33.48 39.46
N PRO A 369 -17.86 33.84 38.29
CA PRO A 369 -19.11 34.58 38.25
C PRO A 369 -20.30 33.73 38.70
N VAL A 370 -21.31 34.40 39.24
CA VAL A 370 -22.55 33.79 39.67
C VAL A 370 -23.68 34.41 38.86
N LEU A 371 -24.53 33.56 38.29
CA LEU A 371 -25.61 34.01 37.42
C LEU A 371 -26.93 33.60 38.04
N VAL A 372 -27.73 34.58 38.44
CA VAL A 372 -29.00 34.35 39.14
C VAL A 372 -30.13 34.92 38.27
N GLY A 373 -31.15 34.12 38.01
CA GLY A 373 -32.28 34.58 37.22
C GLY A 373 -33.18 33.44 36.83
N GLY A 374 -34.32 33.81 36.22
CA GLY A 374 -35.19 32.85 35.58
C GLY A 374 -34.65 32.42 34.23
N PRO A 375 -35.40 31.55 33.55
CA PRO A 375 -34.88 30.95 32.30
C PRO A 375 -34.46 31.95 31.23
N GLN A 376 -35.25 33.00 30.99
CA GLN A 376 -34.92 33.98 29.95
C GLN A 376 -33.63 34.72 30.27
N LYS A 377 -33.55 35.30 31.47
CA LYS A 377 -32.37 36.07 31.84
C LYS A 377 -31.14 35.18 31.90
N VAL A 378 -31.29 33.95 32.39
CA VAL A 378 -30.15 33.03 32.43
C VAL A 378 -29.71 32.66 31.03
N ALA A 379 -30.66 32.22 30.18
CA ALA A 379 -30.31 31.82 28.81
C ALA A 379 -29.72 32.99 28.04
N ASP A 380 -30.23 34.21 28.27
CA ASP A 380 -29.68 35.38 27.59
C ASP A 380 -28.20 35.55 27.92
N GLU A 381 -27.84 35.48 29.21
CA GLU A 381 -26.45 35.72 29.58
C GLU A 381 -25.54 34.58 29.13
N LEU A 382 -26.03 33.33 29.16
CA LEU A 382 -25.25 32.21 28.66
C LEU A 382 -24.89 32.40 27.19
N GLU A 383 -25.84 32.87 26.39
CA GLU A 383 -25.57 33.18 24.99
C GLU A 383 -24.62 34.35 24.84
N ARG A 384 -24.63 35.26 25.79
CA ARG A 384 -23.75 36.40 25.75
C ARG A 384 -22.31 35.95 26.00
N TRP A 385 -22.07 35.11 27.00
CA TRP A 385 -20.73 34.59 27.27
C TRP A 385 -20.20 33.78 26.07
N VAL A 386 -21.08 33.03 25.41
CA VAL A 386 -20.61 32.18 24.32
C VAL A 386 -20.35 33.01 23.07
N ASP A 387 -21.34 33.79 22.64
CA ASP A 387 -21.23 34.50 21.38
C ASP A 387 -20.40 35.77 21.52
N GLU A 388 -20.69 36.59 22.54
CA GLU A 388 -19.93 37.81 22.73
C GLU A 388 -18.58 37.52 23.39
N GLY A 389 -18.55 36.68 24.42
CA GLY A 389 -17.30 36.38 25.12
C GLY A 389 -16.39 35.42 24.38
N GLY A 390 -16.94 34.61 23.48
CA GLY A 390 -16.15 33.71 22.68
C GLY A 390 -15.84 32.35 23.28
N VAL A 391 -16.39 32.01 24.46
CA VAL A 391 -16.17 30.68 25.02
C VAL A 391 -17.05 29.65 24.30
N ASP A 392 -16.69 28.37 24.46
CA ASP A 392 -17.45 27.29 23.85
C ASP A 392 -18.49 26.68 24.78
N GLY A 393 -18.42 26.93 26.08
CA GLY A 393 -19.41 26.37 26.99
C GLY A 393 -18.98 26.58 28.43
N PHE A 394 -19.52 25.73 29.31
CA PHE A 394 -19.46 26.04 30.73
C PHE A 394 -19.09 24.83 31.56
N ASN A 395 -18.27 25.09 32.58
CA ASN A 395 -18.07 24.18 33.71
C ASN A 395 -18.96 24.70 34.83
N LEU A 396 -20.14 24.10 34.96
CA LEU A 396 -21.18 24.54 35.88
C LEU A 396 -20.88 24.04 37.28
N ALA A 397 -20.45 24.95 38.16
CA ALA A 397 -20.20 24.63 39.54
C ALA A 397 -21.51 24.63 40.33
N TYR A 398 -21.49 24.00 41.50
CA TYR A 398 -22.69 23.89 42.29
C TYR A 398 -22.62 24.75 43.54
N ALA A 399 -23.78 25.27 43.95
CA ALA A 399 -23.95 25.74 45.32
C ALA A 399 -24.53 24.63 46.19
N VAL A 400 -25.56 23.97 45.70
CA VAL A 400 -26.06 22.74 46.29
C VAL A 400 -26.07 21.68 45.21
N THR A 401 -25.82 20.44 45.60
CA THR A 401 -25.77 19.33 44.66
C THR A 401 -26.66 18.23 45.20
N PRO A 402 -27.41 17.54 44.33
CA PRO A 402 -27.40 17.66 42.87
C PRO A 402 -28.32 18.70 42.30
N GLY A 403 -28.98 19.50 43.16
CA GLY A 403 -30.02 20.41 42.68
C GLY A 403 -29.52 21.39 41.62
N SER A 404 -28.24 21.78 41.71
CA SER A 404 -27.70 22.74 40.75
C SER A 404 -27.78 22.20 39.33
N VAL A 405 -27.43 20.92 39.15
CA VAL A 405 -27.52 20.27 37.84
C VAL A 405 -28.97 20.00 37.46
N THR A 406 -29.76 19.48 38.41
CA THR A 406 -31.17 19.22 38.17
C THR A 406 -31.94 20.48 37.78
N ASP A 407 -31.69 21.59 38.49
CA ASP A 407 -32.36 22.85 38.15
C ASP A 407 -31.95 23.33 36.75
N PHE A 408 -30.65 23.24 36.44
CA PHE A 408 -30.21 23.61 35.09
C PHE A 408 -30.92 22.80 34.03
N ILE A 409 -30.99 21.48 34.21
CA ILE A 409 -31.65 20.63 33.23
C ILE A 409 -33.14 20.99 33.13
N ASP A 410 -33.81 21.18 34.26
CA ASP A 410 -35.26 21.38 34.24
C ASP A 410 -35.64 22.76 33.69
N TYR A 411 -34.92 23.80 34.09
CA TYR A 411 -35.33 25.18 33.81
C TYR A 411 -34.62 25.81 32.62
N ILE A 412 -33.33 25.50 32.41
CA ILE A 412 -32.51 26.18 31.40
C ILE A 412 -32.39 25.38 30.11
N VAL A 413 -32.09 24.06 30.23
CA VAL A 413 -31.89 23.26 29.01
C VAL A 413 -33.05 23.32 28.07
N PRO A 414 -34.34 23.28 28.48
CA PRO A 414 -35.43 23.43 27.50
C PRO A 414 -35.39 24.75 26.77
N GLU A 415 -35.01 25.84 27.46
CA GLU A 415 -34.91 27.14 26.81
C GLU A 415 -33.75 27.19 25.84
N LEU A 416 -32.60 26.60 26.21
CA LEU A 416 -31.46 26.55 25.30
C LEU A 416 -31.76 25.68 24.08
N ARG A 417 -32.51 24.58 24.27
CA ARG A 417 -32.87 23.73 23.14
C ARG A 417 -33.79 24.47 22.18
N LYS A 418 -34.77 25.21 22.73
CA LYS A 418 -35.67 25.98 21.88
C LYS A 418 -34.92 27.05 21.11
N ARG A 419 -33.89 27.65 21.70
CA ARG A 419 -33.04 28.61 20.98
C ARG A 419 -32.01 27.94 20.07
N GLY A 420 -32.00 26.60 19.98
CA GLY A 420 -31.09 25.89 19.11
C GLY A 420 -29.66 25.82 19.59
N ARG A 421 -29.41 25.99 20.89
CA ARG A 421 -28.05 26.07 21.40
C ARG A 421 -27.59 24.80 22.14
N ALA A 422 -28.50 23.96 22.58
CA ALA A 422 -28.15 22.75 23.33
C ALA A 422 -28.63 21.53 22.57
N GLN A 423 -27.85 20.46 22.61
CA GLN A 423 -28.24 19.22 21.95
C GLN A 423 -29.34 18.51 22.74
N ASP A 424 -30.19 17.78 22.03
CA ASP A 424 -31.18 16.95 22.69
C ASP A 424 -30.93 15.47 22.49
N SER A 425 -29.77 15.12 21.95
CA SER A 425 -29.29 13.75 21.93
C SER A 425 -27.78 13.81 21.72
N TYR A 426 -27.13 12.66 21.81
CA TYR A 426 -25.69 12.58 21.77
C TYR A 426 -25.19 12.19 20.38
N LYS A 427 -24.10 12.83 19.97
CA LYS A 427 -23.38 12.39 18.78
C LYS A 427 -22.65 11.08 19.10
N PRO A 428 -22.74 10.06 18.25
CA PRO A 428 -22.07 8.80 18.55
C PRO A 428 -20.55 8.96 18.56
N GLY A 429 -19.91 8.07 19.31
CA GLY A 429 -18.47 7.92 19.30
C GLY A 429 -17.82 8.36 20.60
N SER A 430 -16.50 8.40 20.56
CA SER A 430 -15.71 8.74 21.72
C SER A 430 -15.95 10.18 22.16
N LEU A 431 -15.48 10.49 23.36
CA LEU A 431 -15.56 11.85 23.87
C LEU A 431 -14.87 12.84 22.93
N ARG A 432 -13.71 12.46 22.39
CA ARG A 432 -13.03 13.34 21.45
C ARG A 432 -13.87 13.54 20.19
N ARG A 433 -14.54 12.48 19.72
CA ARG A 433 -15.40 12.66 18.56
C ARG A 433 -16.56 13.60 18.87
N LYS A 434 -17.14 13.46 20.06
CA LYS A 434 -18.24 14.35 20.45
C LYS A 434 -17.79 15.80 20.61
N LEU A 435 -16.61 16.03 21.20
CA LEU A 435 -16.21 17.41 21.53
C LEU A 435 -15.37 18.07 20.44
N ILE A 436 -14.36 17.38 19.94
CA ILE A 436 -13.47 17.96 18.95
C ILE A 436 -13.94 17.66 17.53
N GLY A 437 -14.51 16.49 17.30
CA GLY A 437 -15.11 16.19 16.02
C GLY A 437 -14.25 15.43 15.05
N THR A 438 -13.05 15.00 15.44
CA THR A 438 -12.30 14.11 14.56
C THR A 438 -13.13 12.85 14.33
N ASN A 439 -13.09 12.32 13.11
CA ASN A 439 -14.03 11.26 12.78
C ASN A 439 -13.67 9.96 13.47
N ASP A 440 -12.38 9.72 13.72
CA ASP A 440 -11.91 8.49 14.36
C ASP A 440 -11.76 8.64 15.87
N GLY A 441 -12.07 9.81 16.41
CA GLY A 441 -11.87 10.09 17.83
C GLY A 441 -10.43 10.10 18.28
N ARG A 442 -9.49 10.17 17.33
CA ARG A 442 -8.07 10.36 17.62
C ARG A 442 -7.69 11.82 17.41
N VAL A 443 -6.55 12.20 17.98
CA VAL A 443 -6.14 13.60 17.96
C VAL A 443 -6.03 14.14 16.52
N GLU A 444 -6.28 15.43 16.37
CA GLU A 444 -5.99 16.14 15.13
C GLU A 444 -4.53 15.96 14.75
N SER A 445 -4.26 15.95 13.44
CA SER A 445 -2.88 15.80 12.98
C SER A 445 -1.99 16.96 13.39
N THR A 446 -2.58 18.13 13.71
CA THR A 446 -1.83 19.26 14.24
C THR A 446 -1.64 19.20 15.75
N HIS A 447 -2.22 18.18 16.44
CA HIS A 447 -2.02 18.08 17.87
C HIS A 447 -0.65 17.46 18.14
N PRO A 448 0.07 17.92 19.17
CA PRO A 448 1.42 17.39 19.38
C PRO A 448 1.48 15.89 19.61
N ALA A 449 0.39 15.26 20.08
CA ALA A 449 0.37 13.81 20.22
C ALA A 449 0.44 13.10 18.87
N ALA A 450 -0.08 13.73 17.81
CA ALA A 450 -0.14 13.09 16.50
C ALA A 450 1.24 12.81 15.90
N GLN A 451 2.29 13.49 16.36
CA GLN A 451 3.60 13.24 15.77
C GLN A 451 4.18 11.89 16.18
N TYR A 452 3.67 11.25 17.23
CA TYR A 452 4.12 9.91 17.55
C TYR A 452 3.25 8.83 16.93
N ARG A 453 2.16 9.21 16.26
CA ARG A 453 1.31 8.25 15.58
C ARG A 453 2.07 7.68 14.39
N ASP A 454 2.29 6.36 14.43
CA ASP A 454 3.06 5.61 13.44
C ASP A 454 4.53 6.02 13.38
N ALA A 455 5.01 6.78 14.36
CA ALA A 455 6.39 7.26 14.33
C ALA A 455 7.42 6.19 14.67
N TYR A 456 6.99 5.02 15.14
CA TYR A 456 7.91 3.92 15.42
C TYR A 456 7.79 2.81 14.40
N VAL A 457 7.01 3.02 13.34
CA VAL A 457 6.90 2.05 12.26
C VAL A 457 8.28 1.86 11.64
N GLY A 458 8.75 0.62 11.60
CA GLY A 458 10.06 0.37 11.06
C GLY A 458 11.20 0.71 11.98
N LYS A 459 10.92 1.12 13.21
CA LYS A 459 11.96 1.29 14.20
C LYS A 459 12.03 0.02 15.05
N GLU A 460 12.96 0.02 16.01
CA GLU A 460 13.19 -1.15 16.84
C GLU A 460 11.89 -1.64 17.47
N SER A 461 11.66 -2.95 17.39
CA SER A 461 10.49 -3.60 17.97
C SER A 461 10.92 -4.60 19.03
N VAL A 462 9.94 -5.10 19.79
CA VAL A 462 10.24 -6.12 20.81
C VAL A 462 10.79 -7.39 20.16
N ALA A 463 10.25 -7.77 19.00
CA ALA A 463 10.69 -8.99 18.33
C ALA A 463 12.16 -8.92 17.91
N ASP A 464 12.67 -7.71 17.61
CA ASP A 464 14.05 -7.53 17.19
C ASP A 464 15.08 -8.08 18.17
N ARG A 465 14.71 -8.21 19.44
CA ARG A 465 15.59 -8.72 20.45
C ARG A 465 15.43 -10.19 20.77
N THR A 466 14.46 -10.86 20.20
CA THR A 466 14.21 -12.27 20.49
C THR A 466 15.34 -13.15 19.95
N GLN A 467 15.90 -14.00 20.84
CA GLN A 467 16.92 -15.00 20.58
C GLN A 467 16.28 -16.32 20.16
N PRO A 468 17.05 -17.21 19.52
CA PRO A 468 16.51 -18.53 19.17
C PRO A 468 16.24 -19.37 20.40
N SER A 469 15.41 -20.40 20.22
CA SER A 469 15.07 -21.30 21.32
C SER A 469 14.83 -22.70 20.79
N PRO A 470 15.38 -23.73 21.44
CA PRO A 470 15.03 -25.10 21.03
C PRO A 470 13.59 -25.44 21.30
N PHE A 471 12.89 -24.65 22.13
CA PHE A 471 11.49 -24.95 22.44
C PHE A 471 10.51 -24.45 21.39
N ALA A 472 10.91 -23.48 20.57
CA ALA A 472 10.05 -22.84 19.58
C ALA A 472 9.23 -23.85 18.75
N LYS B 3 -1.83 -12.48 -52.83
CA LYS B 3 -0.80 -13.10 -51.98
C LYS B 3 -1.38 -13.62 -50.65
N ARG B 4 -1.28 -14.93 -50.44
CA ARG B 4 -1.84 -15.56 -49.25
C ARG B 4 -1.03 -15.18 -48.01
N ILE B 5 -1.72 -14.92 -46.90
CA ILE B 5 -1.12 -14.54 -45.63
C ILE B 5 -0.77 -15.79 -44.84
N VAL B 6 0.48 -15.87 -44.37
CA VAL B 6 0.97 -17.01 -43.59
C VAL B 6 0.61 -16.78 -42.12
N LEU B 7 -0.03 -17.77 -41.51
CA LEU B 7 -0.54 -17.65 -40.15
C LEU B 7 0.16 -18.65 -39.26
N ASN B 8 0.91 -18.16 -38.29
CA ASN B 8 1.63 -19.01 -37.34
C ASN B 8 1.16 -18.67 -35.92
N ALA B 9 1.07 -19.68 -35.06
CA ALA B 9 0.88 -19.41 -33.64
C ALA B 9 2.25 -19.38 -32.97
N PHE B 10 2.50 -18.33 -32.22
CA PHE B 10 3.73 -18.16 -31.46
C PHE B 10 3.47 -18.62 -30.03
N ASP B 11 4.29 -19.54 -29.55
CA ASP B 11 4.11 -20.13 -28.22
C ASP B 11 5.50 -20.46 -27.70
N MET B 12 5.55 -20.99 -26.48
CA MET B 12 6.78 -21.39 -25.82
C MET B 12 6.40 -22.36 -24.71
N THR B 13 7.31 -23.28 -24.39
CA THR B 13 7.02 -24.32 -23.40
C THR B 13 7.19 -23.76 -21.99
N CYS B 14 6.38 -22.73 -21.71
CA CYS B 14 6.41 -22.01 -20.44
C CYS B 14 5.07 -21.32 -20.28
N VAL B 15 4.92 -20.61 -19.16
CA VAL B 15 3.64 -19.98 -18.81
C VAL B 15 3.55 -18.58 -19.42
N SER B 16 4.38 -17.65 -18.93
CA SER B 16 4.38 -16.27 -19.42
C SER B 16 5.47 -16.15 -20.47
N HIS B 17 5.07 -15.79 -21.69
CA HIS B 17 5.97 -15.76 -22.83
C HIS B 17 6.18 -14.34 -23.32
N GLN B 18 5.16 -13.73 -23.94
CA GLN B 18 5.22 -12.36 -24.41
C GLN B 18 4.31 -11.45 -23.60
N SER B 19 3.53 -12.00 -22.67
CA SER B 19 2.65 -11.24 -21.80
C SER B 19 2.91 -11.60 -20.34
N ALA B 20 2.73 -10.64 -19.45
CA ALA B 20 2.99 -10.81 -18.04
C ALA B 20 1.68 -10.68 -17.25
N GLY B 21 1.38 -11.68 -16.43
CA GLY B 21 0.24 -11.62 -15.55
C GLY B 21 -1.04 -12.20 -16.11
N THR B 22 -1.18 -12.26 -17.44
CA THR B 22 -2.43 -12.67 -18.07
C THR B 22 -2.70 -14.17 -17.94
N TRP B 23 -1.72 -14.96 -17.49
CA TRP B 23 -1.96 -16.36 -17.19
C TRP B 23 -2.92 -16.54 -16.03
N ARG B 24 -3.15 -15.49 -15.24
CA ARG B 24 -4.10 -15.50 -14.14
C ARG B 24 -5.55 -15.40 -14.60
N HIS B 25 -5.79 -14.91 -15.81
CA HIS B 25 -7.16 -14.78 -16.29
C HIS B 25 -7.83 -16.16 -16.30
N PRO B 26 -9.12 -16.24 -15.91
CA PRO B 26 -9.77 -17.57 -15.82
C PRO B 26 -9.74 -18.38 -17.11
N SER B 27 -9.68 -17.75 -18.27
CA SER B 27 -9.69 -18.46 -19.54
C SER B 27 -8.33 -19.04 -19.93
N SER B 28 -7.24 -18.56 -19.34
CA SER B 28 -5.93 -18.97 -19.80
C SER B 28 -5.59 -20.36 -19.29
N GLN B 29 -5.11 -21.21 -20.18
CA GLN B 29 -4.49 -22.46 -19.80
C GLN B 29 -2.97 -22.41 -19.99
N ALA B 30 -2.39 -21.21 -19.92
CA ALA B 30 -0.95 -21.07 -20.11
C ALA B 30 -0.18 -21.88 -19.08
N ALA B 31 -0.73 -22.00 -17.88
CA ALA B 31 -0.13 -22.76 -16.78
C ALA B 31 -0.10 -24.26 -17.05
N ARG B 32 -0.68 -24.74 -18.15
CA ARG B 32 -0.61 -26.15 -18.50
C ARG B 32 0.48 -26.44 -19.52
N TYR B 33 1.50 -25.58 -19.59
CA TYR B 33 2.64 -25.81 -20.46
C TYR B 33 3.22 -27.22 -20.28
N ASN B 34 3.03 -27.81 -19.09
CA ASN B 34 3.62 -29.11 -18.76
C ASN B 34 2.63 -30.26 -18.89
N ASP B 35 1.43 -30.01 -19.45
CA ASP B 35 0.42 -31.04 -19.69
C ASP B 35 0.41 -31.38 -21.18
N LEU B 36 0.58 -32.67 -21.48
CA LEU B 36 0.57 -33.09 -22.87
C LEU B 36 -0.70 -32.65 -23.59
N GLU B 37 -1.86 -32.68 -22.90
CA GLU B 37 -3.13 -32.37 -23.54
C GLU B 37 -3.21 -30.91 -24.03
N TYR B 38 -2.54 -29.98 -23.34
CA TYR B 38 -2.50 -28.61 -23.84
C TYR B 38 -1.92 -28.56 -25.25
N TRP B 39 -0.84 -29.32 -25.49
CA TRP B 39 -0.15 -29.27 -26.76
C TRP B 39 -0.93 -29.99 -27.86
N THR B 40 -1.51 -31.15 -27.56
CA THR B 40 -2.29 -31.84 -28.60
C THR B 40 -3.55 -31.06 -28.93
N ASN B 41 -4.25 -30.53 -27.92
CA ASN B 41 -5.39 -29.66 -28.19
C ASN B 41 -4.98 -28.45 -29.03
N MET B 42 -3.83 -27.83 -28.73
CA MET B 42 -3.40 -26.66 -29.48
C MET B 42 -3.17 -27.01 -30.95
N ALA B 43 -2.45 -28.13 -31.19
CA ALA B 43 -2.12 -28.56 -32.56
C ALA B 43 -3.39 -28.79 -33.38
N MET B 44 -4.40 -29.46 -32.79
CA MET B 44 -5.65 -29.67 -33.52
C MET B 44 -6.39 -28.36 -33.76
N GLU B 45 -6.39 -27.46 -32.78
CA GLU B 45 -7.10 -26.20 -32.95
C GLU B 45 -6.49 -25.38 -34.09
N LEU B 46 -5.16 -25.42 -34.25
CA LEU B 46 -4.51 -24.74 -35.38
C LEU B 46 -4.94 -25.30 -36.72
N GLU B 47 -5.08 -26.64 -36.84
CA GLU B 47 -5.55 -27.19 -38.09
C GLU B 47 -7.00 -26.83 -38.36
N ARG B 48 -7.79 -26.55 -37.32
CA ARG B 48 -9.16 -26.10 -37.55
C ARG B 48 -9.18 -24.75 -38.24
N GLY B 49 -8.15 -23.93 -38.06
CA GLY B 49 -8.04 -22.67 -38.78
C GLY B 49 -7.10 -22.70 -39.96
N CYS B 50 -6.60 -23.89 -40.35
CA CYS B 50 -5.61 -24.05 -41.41
C CYS B 50 -4.36 -23.20 -41.20
N PHE B 51 -3.96 -23.02 -39.95
CA PHE B 51 -2.70 -22.33 -39.66
C PHE B 51 -1.51 -23.08 -40.27
N ASP B 52 -0.51 -22.32 -40.67
CA ASP B 52 0.67 -22.90 -41.28
C ASP B 52 1.55 -23.61 -40.26
N CYS B 53 1.78 -22.98 -39.10
CA CYS B 53 2.85 -23.46 -38.24
C CYS B 53 2.59 -23.11 -36.79
N LEU B 54 2.96 -24.02 -35.90
CA LEU B 54 3.14 -23.73 -34.47
C LEU B 54 4.61 -23.46 -34.24
N PHE B 55 4.93 -22.22 -33.89
CA PHE B 55 6.31 -21.74 -33.74
C PHE B 55 6.61 -21.73 -32.24
N ILE B 56 7.49 -22.62 -31.79
CA ILE B 56 7.76 -22.82 -30.37
C ILE B 56 9.13 -22.25 -30.04
N ALA B 57 9.13 -21.17 -29.26
CA ALA B 57 10.34 -20.53 -28.79
C ALA B 57 10.94 -21.30 -27.61
N ASP B 58 12.15 -20.89 -27.21
CA ASP B 58 12.90 -21.60 -26.19
C ASP B 58 14.01 -20.71 -25.64
N VAL B 59 14.32 -20.88 -24.35
CA VAL B 59 15.52 -20.37 -23.71
C VAL B 59 16.02 -21.43 -22.75
N VAL B 60 17.29 -21.32 -22.36
CA VAL B 60 17.84 -22.20 -21.33
C VAL B 60 18.55 -21.38 -20.28
N GLY B 61 18.34 -20.06 -20.31
CA GLY B 61 18.75 -19.18 -19.25
C GLY B 61 17.55 -18.46 -18.66
N VAL B 62 17.77 -17.78 -17.55
CA VAL B 62 16.69 -17.11 -16.82
C VAL B 62 16.84 -15.59 -16.91
N TYR B 63 15.72 -14.89 -16.69
CA TYR B 63 15.68 -13.44 -16.78
C TYR B 63 15.96 -12.86 -15.39
N ASP B 64 17.23 -12.53 -15.16
CA ASP B 64 17.67 -12.09 -13.84
C ASP B 64 18.32 -10.71 -13.85
N VAL B 65 18.05 -9.88 -14.86
CA VAL B 65 18.59 -8.51 -14.87
C VAL B 65 17.79 -7.61 -13.93
N TYR B 66 16.46 -7.63 -14.06
CA TYR B 66 15.61 -6.78 -13.24
C TYR B 66 15.77 -7.11 -11.76
N ARG B 67 16.13 -6.09 -10.98
CA ARG B 67 16.32 -6.18 -9.53
C ARG B 67 17.46 -7.12 -9.14
N GLY B 68 18.31 -7.48 -10.10
CA GLY B 68 19.48 -8.27 -9.80
C GLY B 68 19.23 -9.73 -9.48
N SER B 69 18.05 -10.27 -9.76
CA SER B 69 17.75 -11.68 -9.50
C SER B 69 16.63 -12.16 -10.41
N ALA B 70 16.39 -13.47 -10.36
CA ALA B 70 15.30 -14.07 -11.13
C ALA B 70 14.00 -14.16 -10.37
N GLU B 71 13.91 -13.56 -9.17
CA GLU B 71 12.72 -13.73 -8.33
C GLU B 71 11.46 -13.22 -9.01
N MET B 72 11.53 -12.05 -9.63
CA MET B 72 10.30 -11.52 -10.23
C MET B 72 9.88 -12.37 -11.43
N ALA B 73 10.85 -12.90 -12.18
CA ALA B 73 10.52 -13.83 -13.27
C ALA B 73 9.85 -15.09 -12.73
N LEU B 74 10.39 -15.65 -11.64
CA LEU B 74 9.76 -16.80 -11.00
C LEU B 74 8.32 -16.50 -10.57
N ARG B 75 8.10 -15.33 -9.96
CA ARG B 75 6.79 -15.05 -9.38
C ARG B 75 5.70 -14.94 -10.44
N ASP B 76 5.99 -14.34 -11.60
CA ASP B 76 5.02 -14.28 -12.69
C ASP B 76 5.26 -15.34 -13.75
N ALA B 77 6.18 -16.28 -13.51
CA ALA B 77 6.42 -17.40 -14.44
C ALA B 77 6.88 -16.91 -15.81
N ASP B 78 7.76 -15.91 -15.81
CA ASP B 78 8.20 -15.27 -17.05
C ASP B 78 9.32 -16.11 -17.67
N GLN B 79 8.91 -16.99 -18.58
CA GLN B 79 9.79 -17.90 -19.29
C GLN B 79 10.61 -18.74 -18.32
N VAL B 80 10.12 -18.87 -17.09
CA VAL B 80 10.60 -19.88 -16.17
C VAL B 80 9.40 -20.30 -15.30
N PRO B 81 9.17 -21.62 -15.13
CA PRO B 81 9.89 -22.76 -15.71
C PRO B 81 9.72 -22.85 -17.23
N VAL B 82 10.72 -23.44 -17.89
CA VAL B 82 10.67 -23.79 -19.31
C VAL B 82 10.98 -25.27 -19.43
N ASN B 83 10.24 -25.96 -20.29
CA ASN B 83 10.54 -27.33 -20.67
C ASN B 83 11.15 -27.38 -22.07
N ASP B 84 11.74 -28.52 -22.40
CA ASP B 84 12.33 -28.75 -23.70
C ASP B 84 11.27 -28.71 -24.78
N PRO B 85 11.42 -27.89 -25.83
CA PRO B 85 10.36 -27.78 -26.85
C PRO B 85 10.24 -28.99 -27.76
N PHE B 86 11.22 -29.88 -27.79
CA PHE B 86 11.12 -31.14 -28.52
C PHE B 86 10.12 -32.10 -27.89
N GLY B 87 9.69 -31.85 -26.66
CA GLY B 87 9.05 -32.89 -25.85
C GLY B 87 7.72 -33.36 -26.39
N ALA B 88 6.84 -32.44 -26.77
CA ALA B 88 5.48 -32.80 -27.16
C ALA B 88 5.28 -32.89 -28.68
N ILE B 89 6.36 -32.81 -29.47
CA ILE B 89 6.20 -32.71 -30.93
C ILE B 89 5.54 -33.96 -31.49
N SER B 90 6.04 -35.14 -31.13
CA SER B 90 5.49 -36.34 -31.77
C SER B 90 4.02 -36.52 -31.37
N ALA B 91 3.68 -36.23 -30.11
CA ALA B 91 2.28 -36.29 -29.71
C ALA B 91 1.42 -35.37 -30.57
N MET B 92 1.93 -34.16 -30.84
CA MET B 92 1.18 -33.20 -31.65
C MET B 92 1.12 -33.64 -33.11
N ALA B 93 2.22 -34.21 -33.62
CA ALA B 93 2.20 -34.69 -34.99
C ALA B 93 1.19 -35.82 -35.17
N ALA B 94 0.98 -36.63 -34.12
CA ALA B 94 0.12 -37.81 -34.23
C ALA B 94 -1.35 -37.45 -34.40
N VAL B 95 -1.79 -36.29 -33.92
CA VAL B 95 -3.19 -35.93 -34.05
C VAL B 95 -3.40 -34.85 -35.11
N THR B 96 -2.43 -34.65 -35.98
CA THR B 96 -2.54 -33.65 -37.05
C THR B 96 -2.00 -34.24 -38.35
N GLU B 97 -2.22 -33.51 -39.43
CA GLU B 97 -1.86 -34.02 -40.74
C GLU B 97 -0.98 -33.01 -41.47
N HIS B 98 -1.18 -31.73 -41.19
CA HIS B 98 -0.64 -30.68 -42.07
C HIS B 98 0.10 -29.55 -41.35
N VAL B 99 -0.26 -29.23 -40.11
CA VAL B 99 0.37 -28.09 -39.47
C VAL B 99 1.85 -28.39 -39.25
N GLY B 100 2.68 -27.36 -39.38
CA GLY B 100 4.10 -27.53 -39.17
C GLY B 100 4.52 -27.22 -37.75
N PHE B 101 5.71 -27.66 -37.38
CA PHE B 101 6.22 -27.45 -36.02
C PHE B 101 7.56 -26.75 -36.12
N GLY B 102 7.60 -25.51 -35.64
CA GLY B 102 8.84 -24.77 -35.57
C GLY B 102 9.47 -25.02 -34.22
N VAL B 103 10.63 -25.68 -34.21
CA VAL B 103 11.30 -26.08 -32.99
C VAL B 103 12.55 -25.23 -32.84
N THR B 104 12.61 -24.45 -31.77
CA THR B 104 13.81 -23.70 -31.43
C THR B 104 14.90 -24.60 -30.83
N ALA B 105 16.12 -24.50 -31.35
CA ALA B 105 17.26 -25.16 -30.75
C ALA B 105 18.49 -24.28 -30.94
N ALA B 106 19.18 -23.95 -29.84
CA ALA B 106 20.37 -23.11 -29.93
C ALA B 106 21.57 -23.90 -30.43
N ILE B 107 22.50 -23.18 -31.07
CA ILE B 107 23.76 -23.74 -31.54
C ILE B 107 24.88 -23.50 -30.55
N THR B 108 24.60 -22.88 -29.40
CA THR B 108 25.65 -22.46 -28.50
C THR B 108 26.23 -23.62 -27.71
N PHE B 109 25.40 -24.58 -27.31
CA PHE B 109 25.83 -25.63 -26.40
C PHE B 109 25.82 -27.02 -27.00
N GLU B 110 24.89 -27.33 -27.89
CA GLU B 110 24.75 -28.66 -28.41
C GLU B 110 25.66 -28.85 -29.63
N GLN B 111 26.42 -29.93 -29.61
CA GLN B 111 27.27 -30.27 -30.75
C GLN B 111 26.41 -30.48 -32.00
N PRO B 112 26.90 -30.08 -33.17
CA PRO B 112 26.08 -30.20 -34.40
C PRO B 112 25.73 -31.63 -34.79
N TYR B 113 26.62 -32.59 -34.53
CA TYR B 113 26.32 -33.98 -34.88
C TYR B 113 25.10 -34.49 -34.13
N LEU B 114 25.00 -34.19 -32.83
CA LEU B 114 23.87 -34.64 -32.03
C LEU B 114 22.60 -33.86 -32.37
N LEU B 115 22.71 -32.54 -32.54
CA LEU B 115 21.53 -31.76 -32.87
C LEU B 115 20.96 -32.17 -34.22
N ALA B 116 21.84 -32.48 -35.18
CA ALA B 116 21.38 -32.95 -36.48
C ALA B 116 20.54 -34.22 -36.35
N ARG B 117 20.94 -35.12 -35.43
CA ARG B 117 20.16 -36.34 -35.24
C ARG B 117 18.81 -36.05 -34.61
N ARG B 118 18.75 -35.12 -33.66
CA ARG B 118 17.47 -34.85 -33.01
C ARG B 118 16.48 -34.23 -33.98
N LEU B 119 16.97 -33.37 -34.88
CA LEU B 119 16.09 -32.72 -35.84
C LEU B 119 15.68 -33.66 -36.96
N SER B 120 16.64 -34.47 -37.48
CA SER B 120 16.31 -35.50 -38.45
C SER B 120 15.26 -36.45 -37.90
N THR B 121 15.37 -36.78 -36.61
CA THR B 121 14.40 -37.68 -35.98
C THR B 121 13.01 -37.10 -36.02
N LEU B 122 12.87 -35.79 -35.74
CA LEU B 122 11.54 -35.16 -35.83
C LEU B 122 11.08 -35.04 -37.28
N ASP B 123 12.00 -34.88 -38.23
CA ASP B 123 11.57 -34.83 -39.63
C ASP B 123 11.02 -36.17 -40.08
N HIS B 124 11.61 -37.28 -39.60
CA HIS B 124 11.05 -38.59 -39.86
C HIS B 124 9.68 -38.74 -39.19
N LEU B 125 9.62 -38.52 -37.88
CA LEU B 125 8.39 -38.81 -37.13
C LEU B 125 7.23 -37.90 -37.57
N THR B 126 7.48 -36.65 -37.92
CA THR B 126 6.40 -35.79 -38.38
C THR B 126 6.14 -35.94 -39.87
N LYS B 127 6.96 -36.76 -40.56
CA LYS B 127 6.89 -36.94 -42.01
C LYS B 127 7.00 -35.59 -42.71
N GLY B 128 8.06 -34.86 -42.36
CA GLY B 128 8.43 -33.66 -43.09
C GLY B 128 7.70 -32.40 -42.72
N ARG B 129 7.39 -32.22 -41.44
CA ARG B 129 6.64 -31.04 -41.02
C ARG B 129 7.37 -30.24 -39.95
N VAL B 130 8.70 -30.34 -39.90
CA VAL B 130 9.49 -29.64 -38.89
C VAL B 130 10.26 -28.48 -39.54
N ALA B 131 10.35 -27.38 -38.80
CA ALA B 131 11.25 -26.28 -39.10
C ALA B 131 12.17 -26.12 -37.91
N TRP B 132 13.43 -25.78 -38.18
CA TRP B 132 14.41 -25.53 -37.13
C TRP B 132 14.56 -24.03 -36.95
N ASN B 133 14.19 -23.53 -35.78
CA ASN B 133 14.45 -22.13 -35.44
C ASN B 133 15.86 -22.02 -34.87
N VAL B 134 16.78 -21.50 -35.68
CA VAL B 134 18.21 -21.38 -35.33
C VAL B 134 18.41 -20.17 -34.45
N VAL B 135 18.87 -20.36 -33.21
CA VAL B 135 19.13 -19.25 -32.31
C VAL B 135 20.51 -19.39 -31.67
N SER B 136 20.96 -18.30 -31.04
CA SER B 136 22.09 -18.29 -30.13
C SER B 136 21.58 -17.97 -28.72
N SER B 137 22.03 -18.74 -27.74
CA SER B 137 21.71 -18.40 -26.35
C SER B 137 22.42 -17.11 -25.95
N TYR B 138 21.65 -16.18 -25.39
CA TYR B 138 22.19 -14.92 -24.91
C TYR B 138 22.11 -14.77 -23.39
N LEU B 139 21.14 -15.42 -22.76
CA LEU B 139 20.95 -15.23 -21.33
C LEU B 139 22.13 -15.77 -20.54
N ASN B 140 22.59 -14.98 -19.57
CA ASN B 140 23.88 -15.26 -18.92
C ASN B 140 23.84 -16.56 -18.11
N SER B 141 22.75 -16.83 -17.39
CA SER B 141 22.74 -18.00 -16.50
C SER B 141 22.96 -19.29 -17.28
N ALA B 142 22.59 -19.32 -18.56
CA ALA B 142 22.79 -20.51 -19.36
C ALA B 142 24.28 -20.79 -19.55
N ALA B 143 25.07 -19.76 -19.82
CA ALA B 143 26.52 -19.95 -19.97
C ALA B 143 27.17 -20.43 -18.67
N LEU B 144 26.72 -19.89 -17.52
CA LEU B 144 27.27 -20.30 -16.23
C LEU B 144 26.83 -21.71 -15.84
N ASN B 145 25.62 -22.12 -16.22
CA ASN B 145 25.07 -23.39 -15.78
C ASN B 145 25.45 -24.55 -16.71
N ILE B 146 25.73 -24.26 -17.97
CA ILE B 146 25.97 -25.27 -18.98
C ILE B 146 27.44 -25.31 -19.39
N GLY B 147 28.10 -24.15 -19.44
CA GLY B 147 29.52 -24.12 -19.72
C GLY B 147 29.84 -23.66 -21.13
N MET B 148 30.68 -22.64 -21.25
CA MET B 148 31.09 -22.10 -22.52
C MET B 148 32.60 -22.05 -22.63
N ASP B 149 33.09 -22.29 -23.84
CA ASP B 149 34.51 -22.16 -24.16
C ASP B 149 34.87 -20.68 -24.16
N GLN B 150 35.59 -20.27 -23.12
CA GLN B 150 35.96 -18.89 -22.90
C GLN B 150 37.14 -18.39 -23.72
N GLN B 151 37.87 -19.27 -24.38
CA GLN B 151 38.95 -18.82 -25.22
C GLN B 151 38.57 -18.67 -26.69
N LEU B 152 37.40 -18.11 -26.94
CA LEU B 152 36.94 -17.84 -28.31
C LEU B 152 36.71 -16.35 -28.50
N ALA B 153 37.08 -15.86 -29.68
CA ALA B 153 36.90 -14.46 -30.02
C ALA B 153 35.44 -14.16 -30.29
N HIS B 154 34.88 -13.22 -29.57
CA HIS B 154 33.48 -12.88 -29.76
C HIS B 154 33.17 -12.29 -31.12
N ASP B 155 34.13 -11.68 -31.79
CA ASP B 155 33.81 -11.17 -33.10
C ASP B 155 33.96 -12.23 -34.18
N GLU B 156 34.26 -13.47 -33.80
CA GLU B 156 34.22 -14.60 -34.71
C GLU B 156 32.94 -15.44 -34.56
N ARG B 157 31.95 -14.95 -33.79
CA ARG B 157 30.73 -15.73 -33.51
C ARG B 157 30.05 -16.19 -34.79
N TYR B 158 29.98 -15.33 -35.81
CA TYR B 158 29.24 -15.68 -37.00
C TYR B 158 30.04 -16.56 -37.94
N GLU B 159 31.38 -16.45 -37.94
CA GLU B 159 32.20 -17.42 -38.65
C GLU B 159 31.99 -18.82 -38.06
N MET B 160 31.93 -18.90 -36.73
CA MET B 160 31.60 -20.16 -36.06
C MET B 160 30.21 -20.64 -36.43
N ALA B 161 29.22 -19.73 -36.43
CA ALA B 161 27.87 -20.10 -36.81
C ALA B 161 27.82 -20.58 -38.24
N ASP B 162 28.54 -19.90 -39.15
CA ASP B 162 28.63 -20.38 -40.53
C ASP B 162 29.12 -21.82 -40.58
N GLU B 163 30.17 -22.14 -39.81
CA GLU B 163 30.72 -23.47 -39.90
C GLU B 163 29.78 -24.50 -39.28
N TYR B 164 29.04 -24.09 -38.24
CA TYR B 164 28.06 -24.98 -37.61
C TYR B 164 26.99 -25.41 -38.61
N MET B 165 26.40 -24.44 -39.34
CA MET B 165 25.42 -24.76 -40.37
C MET B 165 26.01 -25.63 -41.47
N GLU B 166 27.25 -25.34 -41.86
CA GLU B 166 27.96 -26.15 -42.85
C GLU B 166 27.99 -27.63 -42.42
N VAL B 167 28.28 -27.89 -41.15
CA VAL B 167 28.29 -29.28 -40.68
C VAL B 167 26.90 -29.88 -40.80
N MET B 168 25.88 -29.13 -40.34
CA MET B 168 24.49 -29.60 -40.42
C MET B 168 24.11 -29.92 -41.86
N TYR B 169 24.40 -29.01 -42.79
CA TYR B 169 24.00 -29.21 -44.20
C TYR B 169 24.72 -30.40 -44.83
N LYS B 170 26.01 -30.57 -44.54
CA LYS B 170 26.74 -31.72 -45.04
C LYS B 170 26.13 -33.01 -44.55
N LEU B 171 25.73 -33.05 -43.28
CA LEU B 171 25.17 -34.28 -42.72
C LEU B 171 23.82 -34.60 -43.36
N TRP B 172 22.97 -33.59 -43.48
CA TRP B 172 21.60 -33.78 -43.95
C TRP B 172 21.52 -34.01 -45.45
N GLU B 173 22.33 -33.27 -46.22
CA GLU B 173 22.27 -33.30 -47.69
C GLU B 173 23.31 -34.18 -48.34
N GLY B 174 24.55 -34.16 -47.86
CA GLY B 174 25.64 -34.80 -48.59
C GLY B 174 26.01 -36.21 -48.20
N SER B 175 25.87 -36.52 -46.91
CA SER B 175 26.42 -37.76 -46.37
C SER B 175 25.79 -39.01 -46.97
N TRP B 176 24.45 -39.04 -47.10
CA TRP B 176 23.78 -40.18 -47.73
C TRP B 176 23.20 -39.76 -49.06
N GLU B 177 23.51 -40.51 -50.11
CA GLU B 177 22.92 -40.25 -51.42
C GLU B 177 21.48 -40.75 -51.44
N ASP B 178 20.67 -40.14 -52.31
CA ASP B 178 19.26 -40.52 -52.44
C ASP B 178 19.10 -42.02 -52.60
N ASP B 179 20.00 -42.68 -53.32
CA ASP B 179 19.86 -44.08 -53.65
C ASP B 179 20.62 -45.01 -52.70
N ALA B 180 21.15 -44.48 -51.58
CA ALA B 180 21.85 -45.33 -50.62
C ALA B 180 20.91 -46.33 -49.94
N VAL B 181 19.73 -45.87 -49.54
CA VAL B 181 18.80 -46.72 -48.80
C VAL B 181 18.02 -47.59 -49.77
N LYS B 182 18.00 -48.89 -49.52
CA LYS B 182 17.32 -49.88 -50.34
C LYS B 182 16.11 -50.49 -49.66
N ARG B 183 16.20 -50.74 -48.35
CA ARG B 183 15.12 -51.31 -47.56
C ARG B 183 14.55 -52.53 -48.26
N ASP B 184 15.44 -53.41 -48.70
CA ASP B 184 15.12 -54.51 -49.61
C ASP B 184 15.14 -55.81 -48.83
N LYS B 185 13.96 -56.26 -48.41
CA LYS B 185 13.86 -57.49 -47.65
C LYS B 185 14.37 -58.70 -48.43
N LYS B 186 14.14 -58.74 -49.75
CA LYS B 186 14.49 -59.96 -50.47
C LYS B 186 16.01 -60.09 -50.65
N SER B 187 16.66 -59.03 -51.15
CA SER B 187 18.12 -59.06 -51.23
C SER B 187 18.78 -59.03 -49.87
N GLY B 188 18.13 -58.46 -48.85
CA GLY B 188 18.76 -58.34 -47.54
C GLY B 188 19.64 -57.12 -47.34
N VAL B 189 19.65 -56.21 -48.31
CA VAL B 189 20.39 -54.95 -48.19
C VAL B 189 19.46 -53.87 -47.66
N PHE B 190 19.77 -53.33 -46.49
CA PHE B 190 19.02 -52.17 -46.03
C PHE B 190 19.60 -50.89 -46.61
N THR B 191 20.92 -50.69 -46.48
CA THR B 191 21.61 -49.53 -47.02
C THR B 191 22.83 -50.00 -47.79
N ASP B 192 23.05 -49.43 -48.98
CA ASP B 192 24.25 -49.67 -49.77
C ASP B 192 25.36 -48.76 -49.25
N GLY B 193 26.34 -49.35 -48.56
CA GLY B 193 27.41 -48.58 -47.94
C GLY B 193 28.34 -47.87 -48.90
N SER B 194 28.34 -48.24 -50.19
CA SER B 194 29.12 -47.47 -51.15
C SER B 194 28.51 -46.12 -51.46
N LYS B 195 27.28 -45.85 -50.98
CA LYS B 195 26.57 -44.61 -51.25
C LYS B 195 26.41 -43.74 -50.00
N VAL B 196 27.08 -44.09 -48.92
CA VAL B 196 27.10 -43.32 -47.67
C VAL B 196 28.51 -42.81 -47.50
N HIS B 197 28.65 -41.53 -47.16
CA HIS B 197 29.93 -40.83 -47.28
C HIS B 197 30.29 -40.15 -45.98
N PRO B 198 31.47 -40.39 -45.43
CA PRO B 198 31.96 -39.52 -44.36
C PRO B 198 32.11 -38.11 -44.91
N ILE B 199 31.66 -37.12 -44.14
CA ILE B 199 31.67 -35.75 -44.63
C ILE B 199 33.05 -35.12 -44.53
N ASN B 200 33.97 -35.74 -43.79
CA ASN B 200 35.37 -35.31 -43.69
C ASN B 200 35.45 -33.80 -43.52
N HIS B 201 34.68 -33.29 -42.56
CA HIS B 201 34.70 -31.87 -42.24
C HIS B 201 35.80 -31.60 -41.23
N GLN B 202 36.68 -30.66 -41.58
CA GLN B 202 37.67 -30.12 -40.66
C GLN B 202 37.76 -28.64 -40.97
N GLY B 203 37.13 -27.82 -40.12
CA GLY B 203 37.20 -26.39 -40.25
C GLY B 203 38.00 -25.77 -39.13
N LYS B 204 37.79 -24.47 -38.95
CA LYS B 204 38.49 -23.79 -37.87
C LYS B 204 37.92 -24.17 -36.51
N TYR B 205 36.63 -24.47 -36.43
CA TYR B 205 35.94 -24.61 -35.15
C TYR B 205 35.37 -26.00 -34.87
N TYR B 206 35.17 -26.83 -35.90
CA TYR B 206 34.54 -28.13 -35.71
C TYR B 206 35.29 -29.17 -36.52
N LYS B 207 35.27 -30.39 -36.01
CA LYS B 207 35.85 -31.54 -36.69
C LYS B 207 34.81 -32.63 -36.65
N VAL B 208 34.25 -32.97 -37.80
CA VAL B 208 33.23 -34.01 -37.89
C VAL B 208 33.61 -34.90 -39.08
N PRO B 209 34.39 -35.95 -38.86
CA PRO B 209 34.87 -36.76 -40.00
C PRO B 209 33.81 -37.71 -40.53
N GLY B 210 32.93 -38.21 -39.67
CA GLY B 210 32.08 -39.33 -40.00
C GLY B 210 30.89 -38.97 -40.86
N PHE B 211 29.95 -39.91 -40.95
CA PHE B 211 28.72 -39.77 -41.72
C PHE B 211 27.53 -39.61 -40.78
N HIS B 212 26.44 -39.03 -41.30
CA HIS B 212 25.22 -38.87 -40.52
C HIS B 212 24.72 -40.25 -40.09
N ILE B 213 24.26 -40.34 -38.83
CA ILE B 213 23.80 -41.61 -38.30
C ILE B 213 22.30 -41.85 -38.57
N CYS B 214 21.64 -40.95 -39.31
CA CYS B 214 20.25 -41.06 -39.73
C CYS B 214 20.17 -41.19 -41.25
N GLU B 215 19.16 -41.94 -41.72
CA GLU B 215 18.86 -42.04 -43.15
C GLU B 215 18.11 -40.79 -43.62
N PRO B 216 18.11 -40.50 -44.92
CA PRO B 216 17.51 -39.24 -45.40
C PRO B 216 16.05 -39.12 -44.99
N SER B 217 15.71 -37.96 -44.45
CA SER B 217 14.36 -37.65 -43.99
C SER B 217 13.57 -37.00 -45.12
N PRO B 218 12.22 -36.90 -44.98
CA PRO B 218 11.40 -36.35 -46.07
C PRO B 218 11.82 -34.98 -46.60
N GLN B 219 12.23 -34.08 -45.74
CA GLN B 219 12.66 -32.78 -46.16
C GLN B 219 14.16 -32.67 -46.24
N ARG B 220 14.83 -33.63 -45.59
CA ARG B 220 16.27 -33.73 -45.46
C ARG B 220 16.77 -32.65 -44.52
N THR B 221 16.78 -31.40 -44.97
CA THR B 221 17.15 -30.32 -44.12
C THR B 221 15.85 -29.74 -43.68
N PRO B 222 15.62 -29.62 -42.39
CA PRO B 222 14.37 -29.01 -41.94
C PRO B 222 14.30 -27.57 -42.41
N VAL B 223 13.07 -27.05 -42.52
CA VAL B 223 12.88 -25.64 -42.88
C VAL B 223 13.66 -24.79 -41.90
N ILE B 224 14.49 -23.87 -42.42
CA ILE B 224 15.31 -23.01 -41.57
C ILE B 224 14.54 -21.74 -41.22
N PHE B 225 14.27 -21.55 -39.92
CA PHE B 225 13.79 -20.29 -39.38
C PHE B 225 14.93 -19.62 -38.64
N GLN B 226 14.99 -18.29 -38.70
CA GLN B 226 15.93 -17.50 -37.91
C GLN B 226 15.36 -16.13 -37.67
N ALA B 227 15.86 -15.48 -36.62
CA ALA B 227 15.45 -14.12 -36.32
C ALA B 227 16.12 -13.15 -37.31
N GLY B 228 15.41 -12.07 -37.61
CA GLY B 228 16.05 -10.97 -38.30
C GLY B 228 17.17 -10.38 -37.44
N ALA B 229 18.16 -9.80 -38.11
CA ALA B 229 19.28 -9.17 -37.41
C ALA B 229 19.90 -8.14 -38.32
N SER B 230 20.72 -7.27 -37.73
CA SER B 230 21.45 -6.25 -38.46
C SER B 230 22.95 -6.54 -38.42
N GLY B 231 23.68 -5.80 -39.25
CA GLY B 231 25.13 -5.89 -39.23
C GLY B 231 25.61 -7.22 -39.78
N ARG B 232 26.60 -7.80 -39.12
CA ARG B 232 27.15 -9.08 -39.55
C ARG B 232 26.08 -10.17 -39.51
N GLY B 233 25.21 -10.14 -38.51
CA GLY B 233 24.15 -11.12 -38.42
C GLY B 233 23.20 -11.11 -39.60
N SER B 234 23.00 -9.94 -40.23
CA SER B 234 22.08 -9.84 -41.36
C SER B 234 22.54 -10.74 -42.50
N LYS B 235 23.86 -10.85 -42.69
CA LYS B 235 24.40 -11.75 -43.71
C LYS B 235 24.10 -13.21 -43.38
N PHE B 236 24.18 -13.57 -42.10
CA PHE B 236 23.91 -14.94 -41.68
C PHE B 236 22.45 -15.28 -41.91
N ALA B 237 21.54 -14.40 -41.46
CA ALA B 237 20.11 -14.66 -41.62
C ALA B 237 19.70 -14.72 -43.10
N ALA B 238 20.21 -13.80 -43.92
CA ALA B 238 19.78 -13.73 -45.31
C ALA B 238 20.33 -14.88 -46.15
N SER B 239 21.46 -15.47 -45.74
CA SER B 239 21.95 -16.64 -46.45
C SER B 239 21.13 -17.88 -46.15
N ASN B 240 20.72 -18.09 -44.89
CA ASN B 240 20.19 -19.38 -44.49
C ASN B 240 18.69 -19.42 -44.31
N ALA B 241 18.06 -18.32 -43.88
CA ALA B 241 16.66 -18.36 -43.51
C ALA B 241 15.78 -18.70 -44.70
N GLU B 242 14.86 -19.64 -44.49
CA GLU B 242 13.70 -19.79 -45.36
C GLU B 242 12.48 -19.05 -44.80
N GLY B 243 12.38 -18.97 -43.49
CA GLY B 243 11.43 -18.11 -42.81
C GLY B 243 12.24 -17.20 -41.92
N MET B 244 11.99 -15.90 -41.98
CA MET B 244 12.69 -14.95 -41.14
C MET B 244 11.69 -14.27 -40.22
N PHE B 245 11.99 -14.28 -38.93
CA PHE B 245 11.13 -13.79 -37.87
C PHE B 245 11.64 -12.42 -37.44
N ILE B 246 10.81 -11.39 -37.62
CA ILE B 246 11.26 -10.02 -37.39
C ILE B 246 10.40 -9.37 -36.32
N LEU B 247 10.99 -8.39 -35.66
CA LEU B 247 10.31 -7.52 -34.70
C LEU B 247 10.22 -6.13 -35.32
N THR B 248 9.01 -5.69 -35.66
CA THR B 248 8.80 -4.40 -36.30
C THR B 248 7.61 -3.72 -35.64
N THR B 249 7.70 -2.38 -35.52
CA THR B 249 6.77 -1.61 -34.70
C THR B 249 5.90 -0.63 -35.48
N SER B 250 6.14 -0.44 -36.79
CA SER B 250 5.24 0.36 -37.60
C SER B 250 5.34 -0.12 -39.02
N VAL B 251 4.31 0.22 -39.81
CA VAL B 251 4.24 -0.26 -41.19
C VAL B 251 5.41 0.28 -42.03
N GLU B 252 5.74 1.56 -41.87
CA GLU B 252 6.83 2.12 -42.66
C GLU B 252 8.20 1.60 -42.22
N GLN B 253 8.41 1.40 -40.92
CA GLN B 253 9.62 0.70 -40.48
C GLN B 253 9.68 -0.70 -41.10
N ALA B 254 8.56 -1.42 -41.09
CA ALA B 254 8.51 -2.75 -41.70
C ALA B 254 8.88 -2.70 -43.18
N ARG B 255 8.41 -1.67 -43.91
CA ARG B 255 8.76 -1.58 -45.33
C ARG B 255 10.27 -1.50 -45.51
N GLN B 256 10.96 -0.79 -44.64
CA GLN B 256 12.42 -0.70 -44.74
C GLN B 256 13.05 -2.05 -44.43
N ILE B 257 12.65 -2.67 -43.32
CA ILE B 257 13.23 -3.94 -42.89
C ILE B 257 13.07 -4.99 -43.98
N THR B 258 11.86 -5.13 -44.53
CA THR B 258 11.63 -6.20 -45.49
C THR B 258 12.30 -5.90 -46.83
N THR B 259 12.32 -4.62 -47.24
CA THR B 259 13.11 -4.26 -48.42
C THR B 259 14.58 -4.64 -48.23
N ASP B 260 15.13 -4.38 -47.03
CA ASP B 260 16.53 -4.70 -46.77
C ASP B 260 16.76 -6.22 -46.83
N ILE B 261 15.83 -7.01 -46.30
CA ILE B 261 16.03 -8.45 -46.23
C ILE B 261 16.02 -9.06 -47.63
N ARG B 262 15.08 -8.63 -48.48
CA ARG B 262 15.04 -9.17 -49.84
C ARG B 262 16.22 -8.70 -50.67
N ASN B 263 16.73 -7.48 -50.41
CA ASN B 263 18.00 -7.06 -51.03
C ASN B 263 19.12 -8.03 -50.65
N GLN B 264 19.28 -8.28 -49.34
CA GLN B 264 20.35 -9.15 -48.87
C GLN B 264 20.17 -10.58 -49.36
N ALA B 265 18.92 -11.01 -49.57
CA ALA B 265 18.68 -12.34 -50.16
C ALA B 265 19.23 -12.41 -51.59
N GLU B 266 18.98 -11.37 -52.40
CA GLU B 266 19.56 -11.33 -53.74
C GLU B 266 21.08 -11.22 -53.69
N ALA B 267 21.61 -10.47 -52.71
CA ALA B 267 23.05 -10.40 -52.56
C ALA B 267 23.66 -11.76 -52.23
N ALA B 268 22.92 -12.63 -51.53
CA ALA B 268 23.41 -13.99 -51.26
C ALA B 268 23.16 -14.95 -52.40
N GLY B 269 22.73 -14.46 -53.56
CA GLY B 269 22.50 -15.34 -54.70
C GLY B 269 21.14 -15.99 -54.74
N ARG B 270 20.19 -15.54 -53.91
CA ARG B 270 18.84 -16.09 -53.85
C ARG B 270 17.86 -15.11 -54.49
N SER B 271 16.60 -15.50 -54.57
CA SER B 271 15.57 -14.61 -55.07
C SER B 271 14.92 -13.84 -53.92
N ARG B 272 14.26 -12.72 -54.26
CA ARG B 272 13.58 -11.89 -53.26
C ARG B 272 12.43 -12.63 -52.58
N ASP B 273 11.87 -13.65 -53.22
CA ASP B 273 10.81 -14.45 -52.62
C ASP B 273 11.31 -15.72 -51.96
N SER B 274 12.63 -15.95 -51.91
CA SER B 274 13.17 -17.16 -51.29
C SER B 274 12.94 -17.18 -49.78
N ILE B 275 12.74 -16.02 -49.16
CA ILE B 275 12.58 -15.90 -47.72
C ILE B 275 11.16 -15.42 -47.44
N LYS B 276 10.46 -16.12 -46.54
CA LYS B 276 9.15 -15.72 -46.08
C LYS B 276 9.32 -15.02 -44.74
N ILE B 277 8.80 -13.79 -44.63
CA ILE B 277 9.05 -12.95 -43.46
C ILE B 277 7.81 -12.93 -42.58
N PHE B 278 7.99 -13.27 -41.30
CA PHE B 278 6.90 -13.22 -40.32
C PHE B 278 7.25 -12.20 -39.25
N MET B 279 6.27 -11.39 -38.89
CA MET B 279 6.46 -10.41 -37.83
C MET B 279 5.72 -10.84 -36.56
N LEU B 280 6.27 -10.44 -35.42
CA LEU B 280 5.61 -10.61 -34.15
C LEU B 280 4.38 -9.68 -34.04
N LEU B 281 3.24 -10.26 -33.67
CA LEU B 281 2.04 -9.47 -33.45
C LEU B 281 1.15 -10.18 -32.44
N THR B 282 0.45 -9.40 -31.62
CA THR B 282 -0.56 -9.90 -30.70
C THR B 282 -1.91 -9.33 -31.10
N VAL B 283 -2.89 -10.19 -31.33
CA VAL B 283 -4.22 -9.80 -31.77
C VAL B 283 -5.22 -10.10 -30.66
N ILE B 284 -5.95 -9.08 -30.24
CA ILE B 284 -7.07 -9.17 -29.31
C ILE B 284 -8.30 -8.77 -30.11
N THR B 285 -9.26 -9.68 -30.26
CA THR B 285 -10.36 -9.41 -31.17
C THR B 285 -11.70 -9.80 -30.52
N GLY B 286 -12.77 -9.63 -31.28
CA GLY B 286 -14.12 -9.77 -30.76
C GLY B 286 -15.11 -9.40 -31.85
N ASP B 287 -16.40 -9.48 -31.49
CA ASP B 287 -17.45 -9.23 -32.47
C ASP B 287 -17.48 -7.77 -32.91
N SER B 288 -16.86 -6.87 -32.16
CA SER B 288 -16.86 -5.44 -32.48
C SER B 288 -15.59 -4.82 -31.92
N ASP B 289 -15.30 -3.59 -32.36
CA ASP B 289 -14.19 -2.84 -31.75
C ASP B 289 -14.43 -2.66 -30.26
N GLU B 290 -15.67 -2.39 -29.86
CA GLU B 290 -15.98 -2.18 -28.45
C GLU B 290 -15.70 -3.44 -27.64
N ALA B 291 -16.21 -4.59 -28.11
CA ALA B 291 -15.97 -5.86 -27.43
C ALA B 291 -14.49 -6.19 -27.38
N ALA B 292 -13.77 -5.94 -28.49
CA ALA B 292 -12.33 -6.19 -28.49
C ALA B 292 -11.61 -5.33 -27.46
N GLU B 293 -11.97 -4.05 -27.37
CA GLU B 293 -11.33 -3.16 -26.40
C GLU B 293 -11.62 -3.59 -24.96
N ALA B 294 -12.87 -3.97 -24.67
CA ALA B 294 -13.21 -4.43 -23.32
C ALA B 294 -12.43 -5.68 -22.93
N LYS B 295 -12.22 -6.59 -23.90
CA LYS B 295 -11.45 -7.80 -23.61
C LYS B 295 -10.00 -7.45 -23.31
N TYR B 296 -9.43 -6.54 -24.11
CA TYR B 296 -8.09 -6.01 -23.86
C TYR B 296 -7.95 -5.45 -22.45
N GLN B 297 -8.90 -4.62 -22.03
CA GLN B 297 -8.84 -4.03 -20.70
C GLN B 297 -9.00 -5.11 -19.62
N GLU B 298 -9.87 -6.09 -19.87
CA GLU B 298 -10.03 -7.20 -18.92
C GLU B 298 -8.74 -8.01 -18.77
N TYR B 299 -8.03 -8.29 -19.87
CA TYR B 299 -6.75 -8.99 -19.72
C TYR B 299 -5.75 -8.12 -18.97
N LEU B 300 -5.73 -6.81 -19.25
CA LEU B 300 -4.78 -5.90 -18.63
C LEU B 300 -5.00 -5.82 -17.13
N SER B 301 -6.24 -5.93 -16.67
CA SER B 301 -6.49 -5.89 -15.24
C SER B 301 -5.75 -6.99 -14.48
N TYR B 302 -5.35 -8.07 -15.16
CA TYR B 302 -4.52 -9.12 -14.56
C TYR B 302 -3.02 -8.88 -14.76
N ALA B 303 -2.62 -7.77 -15.39
CA ALA B 303 -1.21 -7.49 -15.68
C ALA B 303 -0.34 -7.56 -14.43
N ASN B 304 0.92 -7.99 -14.63
CA ASN B 304 1.95 -7.99 -13.60
C ASN B 304 3.13 -7.19 -14.13
N PRO B 305 3.13 -5.87 -13.92
CA PRO B 305 4.22 -5.03 -14.44
C PRO B 305 5.62 -5.50 -14.04
N GLU B 306 5.79 -6.05 -12.85
CA GLU B 306 7.12 -6.50 -12.48
C GLU B 306 7.54 -7.75 -13.24
N GLY B 307 6.58 -8.55 -13.73
CA GLY B 307 6.94 -9.63 -14.63
C GLY B 307 7.40 -9.14 -15.99
N MET B 308 6.81 -8.05 -16.47
CA MET B 308 7.25 -7.53 -17.76
C MET B 308 8.61 -6.85 -17.66
N LEU B 309 8.90 -6.23 -16.51
CA LEU B 309 10.21 -5.62 -16.29
C LEU B 309 11.30 -6.68 -16.25
N ALA B 310 10.99 -7.85 -15.68
CA ALA B 310 11.91 -8.97 -15.75
C ALA B 310 12.21 -9.35 -17.19
N LEU B 311 11.17 -9.49 -18.02
CA LEU B 311 11.40 -9.81 -19.44
C LEU B 311 12.15 -8.68 -20.14
N TYR B 312 11.80 -7.42 -19.83
CA TYR B 312 12.56 -6.29 -20.38
C TYR B 312 14.01 -6.37 -19.97
N GLY B 313 14.28 -6.67 -18.69
CA GLY B 313 15.65 -6.84 -18.24
C GLY B 313 16.44 -7.79 -19.13
N GLY B 314 15.89 -8.98 -19.39
CA GLY B 314 16.58 -9.94 -20.22
C GLY B 314 16.64 -9.57 -21.68
N TRP B 315 15.58 -8.92 -22.19
CA TRP B 315 15.55 -8.58 -23.62
C TRP B 315 16.47 -7.42 -23.96
N THR B 316 16.62 -6.46 -23.04
CA THR B 316 17.37 -5.25 -23.32
C THR B 316 18.61 -5.07 -22.46
N GLY B 317 18.77 -5.84 -21.38
CA GLY B 317 19.88 -5.64 -20.50
C GLY B 317 19.71 -4.46 -19.57
N ILE B 318 18.57 -3.79 -19.61
CA ILE B 318 18.33 -2.62 -18.78
C ILE B 318 17.62 -3.08 -17.51
N ASP B 319 18.19 -2.73 -16.37
CA ASP B 319 17.62 -3.04 -15.06
C ASP B 319 16.70 -1.88 -14.70
N PHE B 320 15.39 -2.09 -14.82
CA PHE B 320 14.44 -1.02 -14.57
C PHE B 320 14.36 -0.63 -13.10
N ALA B 321 14.95 -1.39 -12.18
CA ALA B 321 14.95 -0.99 -10.78
C ALA B 321 15.80 0.26 -10.56
N LYS B 322 16.58 0.63 -11.54
CA LYS B 322 17.43 1.78 -11.49
C LYS B 322 16.84 3.00 -12.15
N LEU B 323 15.60 2.92 -12.59
CA LEU B 323 14.95 4.02 -13.31
C LEU B 323 13.82 4.59 -12.47
N ASP B 324 13.19 5.64 -13.00
CA ASP B 324 12.17 6.39 -12.28
C ASP B 324 10.79 6.05 -12.82
N PRO B 325 9.91 5.46 -12.01
CA PRO B 325 8.57 5.09 -12.50
C PRO B 325 7.72 6.27 -12.98
N ASP B 326 7.82 7.43 -12.32
CA ASP B 326 6.94 8.56 -12.61
C ASP B 326 7.49 9.51 -13.67
N GLU B 327 8.65 9.26 -14.18
CA GLU B 327 9.13 10.08 -15.22
C GLU B 327 8.29 9.85 -16.46
N PRO B 328 8.02 10.88 -17.22
CA PRO B 328 7.39 10.68 -18.54
C PRO B 328 8.30 9.91 -19.49
N LEU B 329 7.67 9.25 -20.45
CA LEU B 329 8.40 8.39 -21.38
C LEU B 329 9.43 9.18 -22.19
N GLN B 330 9.07 10.40 -22.60
CA GLN B 330 9.96 11.24 -23.40
C GLN B 330 11.27 11.55 -22.69
N ALA B 331 11.34 11.38 -21.37
CA ALA B 331 12.56 11.63 -20.61
C ALA B 331 13.49 10.43 -20.53
N MET B 332 13.05 9.25 -20.97
CA MET B 332 13.91 8.07 -20.92
C MET B 332 15.17 8.27 -21.78
N GLU B 333 16.30 7.86 -21.23
CA GLU B 333 17.60 8.07 -21.87
C GLU B 333 17.87 7.08 -23.00
N ASN B 334 17.78 5.77 -22.73
CA ASN B 334 18.09 4.79 -23.77
C ASN B 334 17.24 5.06 -25.01
N ASP B 335 17.89 5.45 -26.10
CA ASP B 335 17.15 5.97 -27.25
C ASP B 335 16.39 4.87 -27.97
N SER B 336 16.99 3.68 -28.07
CA SER B 336 16.33 2.58 -28.75
C SER B 336 15.09 2.12 -28.00
N LEU B 337 15.17 2.07 -26.68
CA LEU B 337 14.01 1.61 -25.91
C LEU B 337 12.93 2.67 -25.87
N ARG B 338 13.32 3.95 -25.75
CA ARG B 338 12.34 5.03 -25.68
C ARG B 338 11.53 5.11 -26.96
N THR B 339 12.22 5.11 -28.11
CA THR B 339 11.52 5.27 -29.37
C THR B 339 10.72 4.03 -29.75
N THR B 340 11.19 2.85 -29.34
CA THR B 340 10.38 1.64 -29.52
C THR B 340 9.11 1.72 -28.66
N LEU B 341 9.26 2.04 -27.37
CA LEU B 341 8.10 2.19 -26.51
C LEU B 341 7.14 3.25 -27.03
N GLU B 342 7.70 4.35 -27.57
CA GLU B 342 6.85 5.43 -28.08
C GLU B 342 5.99 4.95 -29.24
N SER B 343 6.61 4.28 -30.21
CA SER B 343 5.84 3.79 -31.35
C SER B 343 4.95 2.60 -30.99
N LEU B 344 5.21 1.92 -29.87
CA LEU B 344 4.41 0.74 -29.50
C LEU B 344 3.14 1.13 -28.75
N THR B 345 3.22 2.12 -27.87
CA THR B 345 2.04 2.54 -27.11
C THR B 345 1.08 3.36 -27.96
N HIS B 346 1.59 3.90 -29.05
CA HIS B 346 0.75 4.64 -29.94
C HIS B 346 1.23 4.59 -31.39
N LYS B 351 3.86 9.61 -25.12
CA LYS B 351 5.19 10.15 -24.82
C LYS B 351 5.16 11.00 -23.54
N LYS B 352 3.97 11.49 -23.19
CA LYS B 352 3.75 12.17 -21.92
C LYS B 352 3.33 11.21 -20.81
N TRP B 353 3.09 9.97 -21.13
CA TRP B 353 2.70 9.03 -20.11
C TRP B 353 3.86 8.70 -19.17
N THR B 354 3.60 8.51 -17.89
CA THR B 354 4.64 8.04 -16.98
C THR B 354 5.17 6.68 -17.45
N VAL B 355 6.44 6.40 -17.14
CA VAL B 355 7.01 5.10 -17.52
C VAL B 355 6.22 3.97 -16.89
N ARG B 356 5.73 4.19 -15.66
CA ARG B 356 4.87 3.22 -14.99
C ARG B 356 3.66 2.84 -15.85
N ASP B 357 2.98 3.83 -16.43
CA ASP B 357 1.80 3.55 -17.24
C ASP B 357 2.16 2.88 -18.57
N VAL B 358 3.31 3.21 -19.14
CA VAL B 358 3.75 2.55 -20.36
C VAL B 358 4.03 1.07 -20.10
N ILE B 359 4.62 0.77 -18.95
CA ILE B 359 4.99 -0.62 -18.64
C ILE B 359 3.74 -1.46 -18.44
N ARG B 360 2.73 -0.92 -17.76
CA ARG B 360 1.50 -1.67 -17.53
C ARG B 360 0.81 -2.04 -18.85
N GLU B 361 0.64 -1.07 -19.75
CA GLU B 361 0.11 -1.36 -21.08
C GLU B 361 0.92 -2.45 -21.79
N ARG B 362 2.24 -2.38 -21.68
CA ARG B 362 3.11 -3.32 -22.40
C ARG B 362 3.12 -4.72 -21.78
N CYS B 363 2.40 -4.95 -20.68
CA CYS B 363 2.26 -6.29 -20.16
C CYS B 363 1.50 -7.21 -21.11
N ILE B 364 0.85 -6.67 -22.14
CA ILE B 364 0.38 -7.46 -23.26
C ILE B 364 1.19 -7.05 -24.48
N GLY B 365 1.90 -8.02 -25.06
CA GLY B 365 2.60 -7.82 -26.32
C GLY B 365 4.11 -7.70 -26.20
N GLY B 366 4.63 -7.46 -25.00
CA GLY B 366 6.07 -7.34 -24.78
C GLY B 366 6.68 -6.18 -25.54
N LEU B 367 7.51 -6.50 -26.52
CA LEU B 367 8.10 -5.50 -27.39
C LEU B 367 7.51 -5.51 -28.79
N GLY B 368 6.46 -6.27 -29.00
CA GLY B 368 5.81 -6.32 -30.29
C GLY B 368 4.53 -5.51 -30.31
N PRO B 369 4.09 -5.15 -31.52
CA PRO B 369 2.85 -4.37 -31.64
C PRO B 369 1.64 -5.19 -31.19
N VAL B 370 0.61 -4.48 -30.75
CA VAL B 370 -0.64 -5.08 -30.30
C VAL B 370 -1.76 -4.55 -31.19
N LEU B 371 -2.59 -5.46 -31.70
CA LEU B 371 -3.68 -5.08 -32.59
C LEU B 371 -5.02 -5.45 -31.94
N VAL B 372 -5.82 -4.45 -31.63
CA VAL B 372 -7.10 -4.62 -30.92
C VAL B 372 -8.21 -4.12 -31.84
N GLY B 373 -9.23 -4.95 -32.07
CA GLY B 373 -10.33 -4.50 -32.90
C GLY B 373 -11.26 -5.64 -33.26
N GLY B 374 -12.40 -5.26 -33.84
CA GLY B 374 -13.30 -6.19 -34.41
C GLY B 374 -12.77 -6.69 -35.73
N PRO B 375 -13.48 -7.63 -36.35
CA PRO B 375 -12.94 -8.30 -37.54
C PRO B 375 -12.52 -7.36 -38.67
N GLN B 376 -13.27 -6.29 -38.95
CA GLN B 376 -12.94 -5.42 -40.07
C GLN B 376 -11.65 -4.64 -39.81
N LYS B 377 -11.54 -4.03 -38.63
CA LYS B 377 -10.33 -3.28 -38.28
C LYS B 377 -9.10 -4.19 -38.28
N VAL B 378 -9.21 -5.37 -37.68
CA VAL B 378 -8.07 -6.28 -37.61
C VAL B 378 -7.65 -6.72 -39.01
N ALA B 379 -8.61 -7.20 -39.82
CA ALA B 379 -8.29 -7.63 -41.17
C ALA B 379 -7.68 -6.49 -42.00
N ASP B 380 -8.22 -5.28 -41.87
CA ASP B 380 -7.64 -4.12 -42.57
C ASP B 380 -6.17 -3.94 -42.19
N GLU B 381 -5.88 -3.92 -40.90
CA GLU B 381 -4.50 -3.67 -40.48
C GLU B 381 -3.59 -4.83 -40.88
N LEU B 382 -4.04 -6.08 -40.71
CA LEU B 382 -3.25 -7.23 -41.16
C LEU B 382 -2.86 -7.10 -42.63
N GLU B 383 -3.81 -6.70 -43.49
CA GLU B 383 -3.49 -6.50 -44.91
C GLU B 383 -2.50 -5.37 -45.12
N ARG B 384 -2.48 -4.36 -44.23
CA ARG B 384 -1.50 -3.29 -44.37
C ARG B 384 -0.09 -3.80 -44.09
N TRP B 385 0.08 -4.57 -43.00
CA TRP B 385 1.39 -5.13 -42.70
C TRP B 385 1.91 -5.98 -43.85
N VAL B 386 1.03 -6.80 -44.42
CA VAL B 386 1.46 -7.66 -45.53
C VAL B 386 1.71 -6.83 -46.78
N ASP B 387 0.76 -5.97 -47.16
CA ASP B 387 0.83 -5.34 -48.46
C ASP B 387 1.69 -4.08 -48.46
N GLU B 388 1.67 -3.30 -47.37
CA GLU B 388 2.55 -2.14 -47.28
C GLU B 388 3.84 -2.46 -46.53
N GLY B 389 3.71 -3.13 -45.37
CA GLY B 389 4.90 -3.54 -44.63
C GLY B 389 5.76 -4.55 -45.38
N GLY B 390 5.16 -5.34 -46.27
CA GLY B 390 5.92 -6.31 -47.04
C GLY B 390 6.27 -7.62 -46.34
N VAL B 391 5.64 -7.92 -45.20
CA VAL B 391 5.83 -9.24 -44.59
C VAL B 391 4.96 -10.25 -45.32
N ASP B 392 5.29 -11.53 -45.12
CA ASP B 392 4.48 -12.59 -45.69
C ASP B 392 3.44 -13.12 -44.73
N GLY B 393 3.54 -12.81 -43.44
CA GLY B 393 2.59 -13.32 -42.49
C GLY B 393 3.00 -12.96 -41.07
N PHE B 394 2.41 -13.68 -40.11
CA PHE B 394 2.45 -13.27 -38.72
C PHE B 394 2.80 -14.43 -37.81
N ASN B 395 3.58 -14.12 -36.77
CA ASN B 395 3.81 -15.00 -35.62
C ASN B 395 2.95 -14.46 -34.48
N LEU B 396 1.78 -15.08 -34.30
CA LEU B 396 0.74 -14.56 -33.41
C LEU B 396 1.01 -14.97 -31.97
N ALA B 397 1.48 -14.02 -31.16
CA ALA B 397 1.68 -14.24 -29.74
C ALA B 397 0.35 -14.14 -29.00
N TYR B 398 0.30 -14.70 -27.80
CA TYR B 398 -0.95 -14.78 -27.04
C TYR B 398 -0.90 -13.91 -25.78
N ALA B 399 -2.07 -13.38 -25.42
CA ALA B 399 -2.26 -12.87 -24.07
C ALA B 399 -2.84 -13.94 -23.17
N VAL B 400 -3.92 -14.58 -23.62
CA VAL B 400 -4.45 -15.80 -23.03
C VAL B 400 -4.42 -16.88 -24.11
N THR B 401 -4.10 -18.11 -23.70
CA THR B 401 -4.11 -19.26 -24.58
C THR B 401 -5.01 -20.32 -23.97
N PRO B 402 -5.76 -21.09 -24.80
CA PRO B 402 -5.76 -21.03 -26.27
C PRO B 402 -6.67 -19.97 -26.90
N GLY B 403 -7.31 -19.12 -26.10
CA GLY B 403 -8.33 -18.20 -26.64
C GLY B 403 -7.80 -17.24 -27.69
N SER B 404 -6.54 -16.84 -27.58
CA SER B 404 -5.92 -16.01 -28.61
C SER B 404 -6.03 -16.69 -29.98
N VAL B 405 -5.60 -17.94 -30.08
CA VAL B 405 -5.73 -18.68 -31.33
C VAL B 405 -7.19 -18.91 -31.68
N THR B 406 -7.99 -19.35 -30.70
CA THR B 406 -9.40 -19.64 -30.98
C THR B 406 -10.14 -18.40 -31.48
N ASP B 407 -9.91 -17.26 -30.85
CA ASP B 407 -10.57 -16.02 -31.27
C ASP B 407 -10.13 -15.60 -32.67
N PHE B 408 -8.85 -15.80 -32.97
CA PHE B 408 -8.36 -15.45 -34.29
C PHE B 408 -9.06 -16.28 -35.35
N ILE B 409 -9.18 -17.58 -35.09
CA ILE B 409 -9.82 -18.50 -36.04
C ILE B 409 -11.29 -18.14 -36.21
N ASP B 410 -11.98 -17.87 -35.09
CA ASP B 410 -13.44 -17.65 -35.13
C ASP B 410 -13.80 -16.30 -35.77
N TYR B 411 -13.07 -15.22 -35.42
CA TYR B 411 -13.43 -13.86 -35.81
C TYR B 411 -12.70 -13.35 -37.03
N ILE B 412 -11.44 -13.71 -37.23
CA ILE B 412 -10.59 -13.07 -38.23
C ILE B 412 -10.45 -13.94 -39.48
N VAL B 413 -10.21 -15.24 -39.31
CA VAL B 413 -9.99 -16.14 -40.44
C VAL B 413 -11.15 -16.09 -41.44
N PRO B 414 -12.43 -16.04 -41.03
CA PRO B 414 -13.47 -15.98 -42.07
C PRO B 414 -13.39 -14.67 -42.86
N GLU B 415 -13.07 -13.57 -42.20
CA GLU B 415 -12.87 -12.30 -42.89
C GLU B 415 -11.72 -12.40 -43.90
N LEU B 416 -10.58 -12.96 -43.48
CA LEU B 416 -9.44 -13.09 -44.39
C LEU B 416 -9.77 -13.99 -45.57
N ARG B 417 -10.55 -15.05 -45.31
CA ARG B 417 -10.97 -15.95 -46.39
C ARG B 417 -11.89 -15.23 -47.36
N LYS B 418 -12.77 -14.38 -46.86
CA LYS B 418 -13.67 -13.65 -47.75
C LYS B 418 -12.87 -12.70 -48.64
N ARG B 419 -11.80 -12.09 -48.11
CA ARG B 419 -10.92 -11.24 -48.89
C ARG B 419 -9.92 -12.03 -49.75
N GLY B 420 -9.97 -13.36 -49.72
CA GLY B 420 -9.04 -14.15 -50.51
C GLY B 420 -7.62 -14.12 -50.00
N ARG B 421 -7.42 -13.89 -48.70
CA ARG B 421 -6.09 -13.76 -48.13
C ARG B 421 -5.64 -14.95 -47.26
N ALA B 422 -6.52 -15.90 -46.94
CA ALA B 422 -6.16 -17.04 -46.11
C ALA B 422 -6.64 -18.33 -46.76
N GLN B 423 -5.82 -19.37 -46.69
CA GLN B 423 -6.22 -20.66 -47.22
C GLN B 423 -7.36 -21.25 -46.40
N ASP B 424 -8.19 -22.04 -47.05
CA ASP B 424 -9.23 -22.80 -46.36
C ASP B 424 -8.98 -24.30 -46.42
N SER B 425 -7.91 -24.72 -47.07
CA SER B 425 -7.41 -26.08 -47.02
C SER B 425 -5.89 -26.02 -47.10
N TYR B 426 -5.24 -27.15 -46.86
CA TYR B 426 -3.79 -27.22 -46.90
C TYR B 426 -3.29 -27.71 -48.26
N LYS B 427 -2.19 -27.10 -48.71
CA LYS B 427 -1.47 -27.61 -49.86
C LYS B 427 -0.73 -28.89 -49.46
N PRO B 428 -0.77 -29.94 -50.29
CA PRO B 428 -0.15 -31.20 -49.89
C PRO B 428 1.37 -31.11 -49.90
N GLY B 429 1.98 -32.00 -49.12
CA GLY B 429 3.43 -32.18 -49.08
C GLY B 429 4.05 -31.66 -47.79
N SER B 430 5.38 -31.64 -47.79
CA SER B 430 6.16 -31.26 -46.63
C SER B 430 5.92 -29.79 -46.29
N LEU B 431 6.43 -29.39 -45.12
CA LEU B 431 6.30 -27.99 -44.72
C LEU B 431 6.99 -27.06 -45.71
N ARG B 432 8.13 -27.48 -46.25
CA ARG B 432 8.84 -26.63 -47.20
C ARG B 432 8.04 -26.46 -48.49
N ARG B 433 7.44 -27.54 -48.99
CA ARG B 433 6.56 -27.41 -50.15
C ARG B 433 5.39 -26.49 -49.84
N LYS B 434 4.89 -26.51 -48.60
CA LYS B 434 3.77 -25.65 -48.22
C LYS B 434 4.17 -24.19 -48.13
N LEU B 435 5.35 -23.91 -47.56
CA LEU B 435 5.73 -22.53 -47.30
C LEU B 435 6.58 -21.93 -48.42
N ILE B 436 7.49 -22.70 -48.99
CA ILE B 436 8.46 -22.18 -49.95
C ILE B 436 8.05 -22.53 -51.38
N GLY B 437 7.44 -23.68 -51.57
CA GLY B 437 6.90 -24.04 -52.85
C GLY B 437 7.77 -24.88 -53.75
N THR B 438 8.84 -25.48 -53.25
CA THR B 438 9.62 -26.38 -54.09
C THR B 438 8.86 -27.68 -54.28
N ASN B 439 8.75 -28.15 -55.53
CA ASN B 439 7.82 -29.23 -55.80
C ASN B 439 8.18 -30.50 -55.04
N ASP B 440 9.46 -30.72 -54.73
CA ASP B 440 9.89 -31.91 -54.02
C ASP B 440 10.11 -31.69 -52.53
N GLY B 441 9.92 -30.46 -52.05
CA GLY B 441 10.08 -30.20 -50.63
C GLY B 441 11.52 -30.16 -50.15
N ARG B 442 12.48 -30.16 -51.06
CA ARG B 442 13.89 -29.95 -50.73
C ARG B 442 14.26 -28.49 -50.98
N VAL B 443 15.39 -28.07 -50.39
CA VAL B 443 15.80 -26.67 -50.47
C VAL B 443 15.96 -26.23 -51.93
N GLU B 444 15.76 -24.93 -52.15
CA GLU B 444 16.04 -24.35 -53.45
C GLU B 444 17.51 -24.54 -53.82
N SER B 445 17.77 -24.58 -55.14
CA SER B 445 19.13 -24.78 -55.62
C SER B 445 20.07 -23.66 -55.19
N THR B 446 19.53 -22.49 -54.88
CA THR B 446 20.28 -21.33 -54.42
C THR B 446 20.43 -21.26 -52.90
N HIS B 447 19.81 -22.17 -52.17
CA HIS B 447 20.03 -22.20 -50.73
C HIS B 447 21.40 -22.80 -50.44
N PRO B 448 22.12 -22.27 -49.44
CA PRO B 448 23.46 -22.82 -49.16
C PRO B 448 23.47 -24.30 -48.83
N ALA B 449 22.37 -24.85 -48.31
CA ALA B 449 22.32 -26.28 -48.11
C ALA B 449 22.36 -27.06 -49.43
N ALA B 450 21.95 -26.44 -50.55
CA ALA B 450 21.98 -27.17 -51.81
C ALA B 450 23.40 -27.42 -52.32
N GLN B 451 24.40 -26.71 -51.80
CA GLN B 451 25.79 -26.94 -52.21
C GLN B 451 26.25 -28.37 -51.93
N TYR B 452 25.63 -29.06 -50.98
CA TYR B 452 26.10 -30.39 -50.60
C TYR B 452 25.22 -31.49 -51.14
N ARG B 453 24.14 -31.15 -51.83
CA ARG B 453 23.30 -32.14 -52.48
C ARG B 453 24.09 -32.81 -53.60
N ASP B 454 24.33 -34.12 -53.45
CA ASP B 454 25.10 -34.94 -54.39
C ASP B 454 26.57 -34.53 -54.48
N ALA B 455 27.04 -33.69 -53.56
CA ALA B 455 28.44 -33.24 -53.60
C ALA B 455 29.42 -34.37 -53.27
N TYR B 456 28.99 -35.42 -52.59
CA TYR B 456 29.89 -36.50 -52.20
C TYR B 456 29.79 -37.70 -53.12
N VAL B 457 29.03 -37.60 -54.21
CA VAL B 457 29.01 -38.65 -55.21
C VAL B 457 30.43 -38.83 -55.76
N GLY B 458 30.91 -40.07 -55.75
CA GLY B 458 32.26 -40.37 -56.18
C GLY B 458 33.36 -40.06 -55.19
N LYS B 459 33.04 -39.46 -54.05
CA LYS B 459 34.04 -39.24 -53.01
C LYS B 459 34.11 -40.47 -52.10
N GLU B 460 35.03 -40.42 -51.13
CA GLU B 460 35.21 -41.52 -50.20
C GLU B 460 33.88 -41.98 -49.60
N SER B 461 33.64 -43.28 -49.60
CA SER B 461 32.44 -43.90 -49.05
C SER B 461 32.85 -44.85 -47.94
N VAL B 462 31.86 -45.30 -47.17
CA VAL B 462 32.13 -46.25 -46.09
C VAL B 462 32.72 -47.53 -46.65
N ALA B 463 32.17 -48.00 -47.78
CA ALA B 463 32.61 -49.27 -48.37
C ALA B 463 34.08 -49.22 -48.75
N ASP B 464 34.63 -48.03 -49.01
CA ASP B 464 36.02 -47.90 -49.44
C ASP B 464 37.01 -48.36 -48.38
N ARG B 465 36.59 -48.49 -47.13
CA ARG B 465 37.49 -48.93 -46.07
C ARG B 465 37.27 -50.37 -45.67
N THR B 466 36.35 -51.07 -46.32
CA THR B 466 36.05 -52.44 -45.94
C THR B 466 37.21 -53.35 -46.34
N GLN B 467 37.78 -54.05 -45.34
CA GLN B 467 38.82 -55.04 -45.58
C GLN B 467 38.16 -56.38 -45.96
N PRO B 468 38.93 -57.33 -46.51
CA PRO B 468 38.34 -58.63 -46.85
C PRO B 468 38.05 -59.45 -45.61
N SER B 469 37.28 -60.53 -45.81
CA SER B 469 36.92 -61.35 -44.67
C SER B 469 36.64 -62.77 -45.13
N PRO B 470 37.20 -63.77 -44.44
CA PRO B 470 36.88 -65.18 -44.76
C PRO B 470 35.46 -65.57 -44.41
N PHE B 471 34.73 -64.72 -43.70
CA PHE B 471 33.32 -64.96 -43.40
C PHE B 471 32.39 -64.46 -44.50
N ALA B 472 32.89 -63.65 -45.43
CA ALA B 472 32.04 -63.00 -46.43
C ALA B 472 31.31 -63.99 -47.32
#